data_2FMY
#
_entry.id   2FMY
#
_cell.length_a   61.654
_cell.length_b   93.930
_cell.length_c   91.901
_cell.angle_alpha   90.00
_cell.angle_beta   104.73
_cell.angle_gamma   90.00
#
_symmetry.space_group_name_H-M   'P 1 21 1'
#
loop_
_entity.id
_entity.type
_entity.pdbx_description
1 polymer 'carbon monoxide oxidation system transcription regulator CooA-1'
2 non-polymer 'PROTOPORPHYRIN IX CONTAINING FE'
3 non-polymer IMIDAZOLE
4 water water
#
_entity_poly.entity_id   1
_entity_poly.type   'polypeptide(L)'
_entity_poly.pdbx_seq_one_letter_code
;ATQMRLTDTNLLEVLNSEEYSGVLKEFREQRYSKKAILYTPNTERNLVFLVKSGRVRVYLAYEDKEFTLAILEAGDIFCT
HTRAFIQAMEDTTILYTDIRNFQNIVVEFPAFSLNMVKVLGDLLKNSLTIINGLVFKDARLRLAEFLVQAAMDTGLKVPQ
GIKLELGLNTEEIALMLGTTRQTVSVLLNDFKKMGILERVNQRTLLLKDLQKLKEFSSGV
;
_entity_poly.pdbx_strand_id   A,B,C,D
#
loop_
_chem_comp.id
_chem_comp.type
_chem_comp.name
_chem_comp.formula
HEM non-polymer 'PROTOPORPHYRIN IX CONTAINING FE' 'C34 H32 Fe N4 O4'
IMD non-polymer IMIDAZOLE 'C3 H5 N2 1'
#
# COMPACT_ATOMS: atom_id res chain seq x y z
N ALA A 1 4.72 10.11 1.56
CA ALA A 1 5.04 11.48 2.04
C ALA A 1 3.77 12.30 2.30
N THR A 2 3.79 13.09 3.37
CA THR A 2 2.64 13.91 3.75
C THR A 2 3.02 15.38 3.91
N GLN A 3 2.18 16.26 3.36
CA GLN A 3 2.39 17.70 3.45
C GLN A 3 1.90 18.31 4.77
N MET A 4 1.37 17.46 5.65
CA MET A 4 0.91 17.86 6.99
C MET A 4 2.07 18.02 7.98
N ARG A 5 3.25 17.57 7.57
CA ARG A 5 4.43 17.54 8.44
C ARG A 5 4.91 18.94 8.82
N LEU A 6 5.35 19.08 10.07
CA LEU A 6 5.96 20.31 10.55
C LEU A 6 7.44 20.10 10.81
N THR A 7 7.91 18.89 10.53
CA THR A 7 9.33 18.53 10.63
C THR A 7 9.77 17.56 9.55
N ASP A 8 11.07 17.58 9.24
CA ASP A 8 11.67 16.73 8.22
C ASP A 8 12.26 15.45 8.81
N THR A 9 12.43 15.41 10.13
CA THR A 9 13.10 14.28 10.76
C THR A 9 12.11 13.28 11.35
N ASN A 10 12.46 12.01 11.28
CA ASN A 10 11.59 10.95 11.76
C ASN A 10 11.67 10.82 13.26
N LEU A 11 10.52 10.59 13.87
CA LEU A 11 10.41 10.42 15.31
C LEU A 11 11.28 9.27 15.81
N LEU A 12 11.42 8.21 15.02
CA LEU A 12 12.28 7.08 15.39
C LEU A 12 13.76 7.48 15.48
N GLU A 13 14.17 8.39 14.61
CA GLU A 13 15.52 8.95 14.63
C GLU A 13 15.75 9.77 15.90
N VAL A 14 14.84 10.72 16.14
CA VAL A 14 14.87 11.57 17.34
C VAL A 14 14.90 10.77 18.65
N LEU A 15 14.17 9.66 18.68
CA LEU A 15 14.15 8.77 19.84
C LEU A 15 15.50 8.12 20.14
N ASN A 16 16.40 8.14 19.16
CA ASN A 16 17.76 7.64 19.32
C ASN A 16 18.75 8.70 19.84
N SER A 17 18.35 9.96 19.84
CA SER A 17 19.24 11.05 20.25
C SER A 17 19.43 11.07 21.78
N GLU A 18 20.52 11.70 22.22
CA GLU A 18 20.87 11.81 23.64
C GLU A 18 19.80 12.48 24.50
N GLU A 19 19.21 13.55 23.97
CA GLU A 19 18.20 14.35 24.68
C GLU A 19 16.97 13.52 25.04
N TYR A 20 16.74 12.46 24.25
CA TYR A 20 15.60 11.57 24.40
C TYR A 20 15.97 10.24 25.08
N SER A 21 17.12 10.19 25.77
CA SER A 21 17.52 8.97 26.48
C SER A 21 16.45 8.60 27.50
N GLY A 22 16.21 7.30 27.65
CA GLY A 22 15.19 6.81 28.61
C GLY A 22 13.76 6.70 28.10
N VAL A 23 13.41 7.44 27.05
CA VAL A 23 12.02 7.45 26.55
C VAL A 23 11.61 6.11 25.94
N LEU A 24 12.50 5.52 25.14
CA LEU A 24 12.20 4.28 24.42
C LEU A 24 11.79 3.15 25.36
N LYS A 25 12.52 2.99 26.47
CA LYS A 25 12.26 1.89 27.41
C LYS A 25 10.92 2.00 28.17
N GLU A 26 10.22 3.12 27.99
CA GLU A 26 8.88 3.29 28.51
C GLU A 26 7.83 2.59 27.64
N PHE A 27 8.26 2.13 26.47
CA PHE A 27 7.41 1.41 25.53
C PHE A 27 7.76 -0.07 25.51
N ARG A 28 6.75 -0.90 25.30
CA ARG A 28 6.96 -2.32 25.01
C ARG A 28 6.69 -2.55 23.53
N GLU A 29 7.21 -3.65 22.99
CA GLU A 29 7.04 -4.02 21.58
C GLU A 29 5.99 -5.09 21.39
N GLN A 30 5.19 -4.96 20.34
CA GLN A 30 4.31 -6.05 19.90
C GLN A 30 4.33 -6.17 18.39
N ARG A 31 4.42 -7.41 17.91
CA ARG A 31 4.38 -7.68 16.49
C ARG A 31 2.98 -8.09 16.06
N TYR A 32 2.62 -7.73 14.84
CA TYR A 32 1.32 -8.11 14.28
C TYR A 32 1.56 -8.60 12.87
N SER A 33 0.83 -9.64 12.48
CA SER A 33 0.88 -10.18 11.12
C SER A 33 0.05 -9.31 10.19
N LYS A 34 0.33 -9.42 8.89
CA LYS A 34 -0.41 -8.75 7.85
C LYS A 34 -1.91 -9.08 7.97
N LYS A 35 -2.74 -8.03 7.96
CA LYS A 35 -4.22 -8.12 8.07
C LYS A 35 -4.78 -8.31 9.49
N ALA A 36 -3.90 -8.39 10.50
CA ALA A 36 -4.35 -8.51 11.89
C ALA A 36 -4.97 -7.21 12.39
N ILE A 37 -6.05 -7.35 13.15
CA ILE A 37 -6.67 -6.21 13.83
C ILE A 37 -5.88 -5.93 15.11
N LEU A 38 -5.27 -4.75 15.17
CA LEU A 38 -4.54 -4.31 16.36
C LEU A 38 -5.51 -3.97 17.47
N TYR A 39 -6.43 -3.06 17.17
CA TYR A 39 -7.37 -2.53 18.16
C TYR A 39 -8.73 -2.28 17.52
N THR A 40 -9.77 -2.63 18.28
CA THR A 40 -11.15 -2.25 17.98
C THR A 40 -11.41 -0.86 18.59
N PRO A 41 -12.54 -0.21 18.23
CA PRO A 41 -12.86 1.08 18.86
C PRO A 41 -12.83 1.05 20.39
N ASN A 42 -12.00 1.92 20.99
CA ASN A 42 -12.02 2.17 22.45
C ASN A 42 -11.78 0.91 23.29
N THR A 43 -10.69 0.20 23.02
CA THR A 43 -10.37 -1.06 23.70
C THR A 43 -10.31 -0.88 25.22
N GLU A 44 -10.31 -1.98 25.96
CA GLU A 44 -10.21 -1.92 27.42
C GLU A 44 -8.99 -1.08 27.86
N ARG A 45 -7.82 -1.39 27.30
CA ARG A 45 -6.61 -0.65 27.62
C ARG A 45 -6.48 0.63 26.82
N ASN A 46 -6.16 1.71 27.52
CA ASN A 46 -5.95 3.00 26.90
C ASN A 46 -4.45 3.23 26.66
N LEU A 47 -4.04 3.01 25.41
CA LEU A 47 -2.63 2.98 25.05
C LEU A 47 -2.29 4.02 24.00
N VAL A 48 -1.04 4.47 24.03
CA VAL A 48 -0.48 5.23 22.94
C VAL A 48 0.61 4.36 22.31
N PHE A 49 0.63 4.33 20.98
CA PHE A 49 1.61 3.51 20.28
C PHE A 49 2.30 4.24 19.13
N LEU A 50 3.47 3.73 18.79
CA LEU A 50 4.30 4.25 17.71
C LEU A 50 4.55 3.07 16.78
N VAL A 51 4.37 3.29 15.47
CA VAL A 51 4.70 2.28 14.47
C VAL A 51 6.22 2.28 14.36
N LYS A 52 6.83 1.15 14.69
CA LYS A 52 8.27 0.99 14.54
C LYS A 52 8.58 0.58 13.12
N SER A 53 7.78 -0.37 12.62
CA SER A 53 7.92 -0.83 11.26
C SER A 53 6.59 -1.36 10.74
N GLY A 54 6.40 -1.28 9.43
CA GLY A 54 5.16 -1.73 8.82
C GLY A 54 4.27 -0.55 8.51
N ARG A 55 2.99 -0.84 8.31
CA ARG A 55 2.00 0.17 7.97
C ARG A 55 0.68 -0.26 8.56
N VAL A 56 -0.03 0.71 9.11
CA VAL A 56 -1.25 0.44 9.87
C VAL A 56 -2.37 1.31 9.33
N ARG A 57 -3.50 0.68 9.03
CA ARG A 57 -4.67 1.39 8.55
C ARG A 57 -5.61 1.74 9.70
N VAL A 58 -5.95 3.02 9.79
CA VAL A 58 -6.98 3.52 10.70
C VAL A 58 -8.24 3.74 9.88
N TYR A 59 -9.34 3.11 10.30
CA TYR A 59 -10.59 3.13 9.53
C TYR A 59 -11.87 3.02 10.34
N LEU A 60 -12.96 3.49 9.75
CA LEU A 60 -14.30 3.33 10.32
C LEU A 60 -14.94 2.15 9.61
N ALA A 61 -15.63 1.29 10.37
CA ALA A 61 -16.25 0.10 9.80
C ALA A 61 -17.75 0.04 10.07
N TYR A 62 -18.51 -0.18 9.01
CA TYR A 62 -19.94 -0.40 9.09
C TYR A 62 -20.21 -1.75 8.42
N GLU A 63 -21.44 -2.26 8.54
CA GLU A 63 -21.77 -3.57 7.98
C GLU A 63 -21.68 -3.55 6.45
N ASP A 64 -22.03 -2.41 5.87
CA ASP A 64 -22.01 -2.20 4.43
C ASP A 64 -20.59 -1.90 3.89
N LYS A 65 -19.91 -0.92 4.48
CA LYS A 65 -18.60 -0.48 3.99
C LYS A 65 -17.63 -0.02 5.08
N GLU A 66 -16.42 0.32 4.65
CA GLU A 66 -15.39 0.89 5.50
C GLU A 66 -14.94 2.24 4.93
N PHE A 67 -14.51 3.13 5.81
CA PHE A 67 -13.90 4.39 5.40
C PHE A 67 -12.50 4.48 6.00
N THR A 68 -11.48 4.40 5.15
CA THR A 68 -10.10 4.60 5.58
C THR A 68 -9.87 6.05 6.01
N LEU A 69 -9.35 6.24 7.23
CA LEU A 69 -9.05 7.57 7.75
C LEU A 69 -7.59 7.98 7.61
N ALA A 70 -6.67 7.01 7.70
CA ALA A 70 -5.23 7.26 7.58
C ALA A 70 -4.46 5.96 7.43
N ILE A 71 -3.32 6.06 6.76
CA ILE A 71 -2.31 4.99 6.78
C ILE A 71 -1.17 5.52 7.65
N LEU A 72 -0.88 4.80 8.72
CA LEU A 72 0.22 5.16 9.62
C LEU A 72 1.46 4.40 9.19
N GLU A 73 2.58 5.11 9.16
CA GLU A 73 3.83 4.54 8.70
C GLU A 73 4.84 4.63 9.83
N ALA A 74 6.00 4.02 9.64
CA ALA A 74 7.07 4.04 10.64
C ALA A 74 7.27 5.45 11.17
N GLY A 75 7.22 5.59 12.49
CA GLY A 75 7.44 6.88 13.13
C GLY A 75 6.15 7.60 13.52
N ASP A 76 5.02 7.06 13.09
CA ASP A 76 3.73 7.67 13.38
C ASP A 76 3.13 7.21 14.71
N ILE A 77 2.51 8.15 15.41
CA ILE A 77 1.84 7.93 16.69
C ILE A 77 0.33 7.79 16.49
N PHE A 78 -0.28 6.86 17.21
CA PHE A 78 -1.73 6.84 17.35
C PHE A 78 -2.11 6.28 18.72
N CYS A 79 -3.39 6.03 18.96
CA CYS A 79 -3.87 5.59 20.27
C CYS A 79 -5.01 4.61 20.14
N THR A 80 -5.46 4.09 21.29
CA THR A 80 -6.51 3.10 21.31
C THR A 80 -7.82 3.66 21.83
N HIS A 81 -7.95 4.98 21.97
CA HIS A 81 -9.18 5.55 22.57
C HIS A 81 -10.05 6.33 21.57
N THR A 82 -10.03 5.87 20.32
CA THR A 82 -10.86 6.47 19.27
C THR A 82 -11.92 5.46 18.82
N ARG A 83 -12.91 5.94 18.08
CA ARG A 83 -13.98 5.09 17.55
C ARG A 83 -13.60 4.33 16.26
N ALA A 84 -12.32 4.27 15.93
CA ALA A 84 -11.86 3.62 14.71
C ALA A 84 -11.24 2.23 14.97
N PHE A 85 -11.27 1.39 13.94
CA PHE A 85 -10.54 0.13 13.94
C PHE A 85 -9.11 0.39 13.46
N ILE A 86 -8.20 -0.48 13.87
CA ILE A 86 -6.77 -0.33 13.54
C ILE A 86 -6.25 -1.68 13.07
N GLN A 87 -5.81 -1.74 11.81
CA GLN A 87 -5.39 -3.00 11.19
C GLN A 87 -3.99 -2.89 10.59
N ALA A 88 -3.21 -3.96 10.71
CA ALA A 88 -1.88 -4.04 10.10
C ALA A 88 -2.02 -4.33 8.61
N MET A 89 -1.48 -3.46 7.78
CA MET A 89 -1.55 -3.65 6.32
C MET A 89 -0.46 -4.58 5.83
N GLU A 90 0.51 -4.80 6.70
CA GLU A 90 1.63 -5.71 6.47
C GLU A 90 2.20 -6.09 7.84
N ASP A 91 3.16 -7.01 7.87
CA ASP A 91 3.80 -7.38 9.13
C ASP A 91 4.31 -6.12 9.82
N THR A 92 3.83 -5.88 11.04
CA THR A 92 4.02 -4.60 11.71
C THR A 92 4.59 -4.83 13.11
N THR A 93 5.46 -3.92 13.53
CA THR A 93 5.97 -3.88 14.90
C THR A 93 5.60 -2.53 15.48
N ILE A 94 4.90 -2.53 16.61
CA ILE A 94 4.57 -1.29 17.30
C ILE A 94 5.28 -1.21 18.66
N LEU A 95 5.45 0.02 19.13
CA LEU A 95 5.93 0.35 20.46
C LEU A 95 4.77 1.01 21.18
N TYR A 96 4.33 0.43 22.29
CA TYR A 96 3.15 0.91 23.00
C TYR A 96 3.43 1.18 24.48
N THR A 97 2.77 2.20 25.02
CA THR A 97 2.84 2.52 26.44
C THR A 97 1.44 2.91 26.91
N ASP A 98 1.19 2.77 28.20
CA ASP A 98 -0.05 3.26 28.78
C ASP A 98 -0.13 4.76 28.60
N ILE A 99 -1.32 5.28 28.32
CA ILE A 99 -1.56 6.72 28.17
C ILE A 99 -1.03 7.56 29.38
N ARG A 100 -1.02 6.97 30.58
CA ARG A 100 -0.63 7.71 31.79
C ARG A 100 0.86 8.01 31.81
N ASN A 101 1.65 7.10 31.22
CA ASN A 101 3.07 7.34 30.94
C ASN A 101 3.29 8.31 29.78
N PHE A 102 2.46 8.23 28.74
CA PHE A 102 2.60 9.11 27.58
C PHE A 102 2.30 10.57 27.92
N GLN A 103 1.45 10.79 28.92
CA GLN A 103 1.13 12.12 29.41
C GLN A 103 2.39 12.92 29.77
N ASN A 104 3.32 12.28 30.48
CA ASN A 104 4.60 12.90 30.82
C ASN A 104 5.51 13.05 29.59
N ILE A 105 5.49 12.06 28.72
CA ILE A 105 6.30 12.09 27.49
C ILE A 105 5.90 13.25 26.56
N VAL A 106 4.61 13.35 26.24
CA VAL A 106 4.15 14.36 25.29
C VAL A 106 4.42 15.80 25.76
N VAL A 107 4.47 16.02 27.06
CA VAL A 107 4.69 17.35 27.62
C VAL A 107 6.17 17.77 27.63
N GLU A 108 7.09 16.82 27.71
CA GLU A 108 8.50 17.14 27.88
C GLU A 108 9.35 16.96 26.60
N PHE A 109 8.89 16.09 25.72
CA PHE A 109 9.63 15.71 24.52
C PHE A 109 8.84 16.14 23.28
N PRO A 110 9.16 17.34 22.74
CA PRO A 110 8.34 18.04 21.73
C PRO A 110 8.10 17.32 20.40
N ALA A 111 8.99 16.41 20.01
CA ALA A 111 8.82 15.69 18.75
C ALA A 111 7.53 14.90 18.67
N PHE A 112 7.05 14.40 19.81
CA PHE A 112 5.83 13.59 19.83
C PHE A 112 4.60 14.40 19.41
N SER A 113 4.41 15.59 19.99
CA SER A 113 3.24 16.38 19.63
C SER A 113 3.30 16.89 18.19
N LEU A 114 4.51 17.13 17.67
CA LEU A 114 4.65 17.54 16.27
C LEU A 114 4.21 16.44 15.31
N ASN A 115 4.50 15.18 15.65
CA ASN A 115 4.07 14.04 14.84
C ASN A 115 2.58 13.84 14.95
N MET A 116 2.04 14.07 16.14
CA MET A 116 0.61 13.98 16.38
C MET A 116 -0.19 14.97 15.53
N VAL A 117 0.33 16.20 15.40
CA VAL A 117 -0.26 17.23 14.55
C VAL A 117 -0.35 16.79 13.07
N LYS A 118 0.75 16.24 12.55
CA LYS A 118 0.81 15.65 11.20
C LYS A 118 -0.21 14.52 10.99
N VAL A 119 -0.23 13.57 11.92
CA VAL A 119 -1.17 12.46 11.88
C VAL A 119 -2.62 12.93 11.99
N LEU A 120 -2.93 13.74 13.02
CA LEU A 120 -4.31 14.21 13.23
C LEU A 120 -4.81 15.08 12.07
N GLY A 121 -3.92 15.89 11.49
CA GLY A 121 -4.22 16.67 10.29
C GLY A 121 -4.61 15.81 9.09
N ASP A 122 -3.83 14.75 8.84
CA ASP A 122 -4.14 13.80 7.77
C ASP A 122 -5.45 13.03 7.98
N LEU A 123 -5.75 12.63 9.20
CA LEU A 123 -7.04 11.98 9.53
C LEU A 123 -8.22 12.93 9.33
N LEU A 124 -8.05 14.17 9.76
CA LEU A 124 -9.08 15.20 9.61
C LEU A 124 -9.33 15.58 8.14
N LYS A 125 -8.25 15.72 7.37
CA LYS A 125 -8.36 15.98 5.93
C LYS A 125 -9.17 14.89 5.21
N ASN A 126 -8.82 13.64 5.50
CA ASN A 126 -9.56 12.50 4.99
C ASN A 126 -11.00 12.47 5.48
N SER A 127 -11.21 12.81 6.76
CA SER A 127 -12.56 12.91 7.35
C SER A 127 -13.47 13.94 6.69
N LEU A 128 -12.95 15.13 6.40
CA LEU A 128 -13.74 16.20 5.76
C LEU A 128 -14.15 15.83 4.33
N THR A 129 -13.23 15.18 3.63
CA THR A 129 -13.50 14.62 2.31
C THR A 129 -14.61 13.56 2.36
N ILE A 130 -14.58 12.70 3.39
CA ILE A 130 -15.60 11.68 3.59
C ILE A 130 -16.98 12.32 3.83
N ILE A 131 -17.01 13.32 4.69
CA ILE A 131 -18.24 14.06 4.99
C ILE A 131 -18.86 14.66 3.73
N ASN A 132 -18.04 15.41 2.97
CA ASN A 132 -18.48 15.95 1.69
C ASN A 132 -18.95 14.86 0.75
N GLY A 133 -18.24 13.74 0.74
CA GLY A 133 -18.60 12.59 -0.08
C GLY A 133 -19.96 11.99 0.27
N LEU A 134 -20.31 12.00 1.57
CA LEU A 134 -21.61 11.47 2.03
C LEU A 134 -22.77 12.43 1.75
N VAL A 135 -22.55 13.71 2.05
CA VAL A 135 -23.53 14.76 1.78
C VAL A 135 -23.90 14.86 0.29
N PHE A 136 -22.91 14.70 -0.59
CA PHE A 136 -23.10 14.80 -2.04
C PHE A 136 -22.84 13.49 -2.77
N LYS A 137 -23.26 12.36 -2.19
CA LYS A 137 -22.93 11.06 -2.77
C LYS A 137 -23.31 10.90 -4.25
N ASP A 138 -24.53 11.29 -4.60
CA ASP A 138 -25.04 11.16 -5.98
C ASP A 138 -24.30 12.08 -6.94
N ALA A 139 -24.24 13.37 -6.59
CA ALA A 139 -23.56 14.39 -7.39
C ALA A 139 -22.07 14.06 -7.60
N ARG A 140 -21.43 13.53 -6.56
CA ARG A 140 -20.02 13.12 -6.64
C ARG A 140 -19.81 12.04 -7.70
N LEU A 141 -20.63 10.99 -7.65
CA LEU A 141 -20.57 9.91 -8.62
C LEU A 141 -20.80 10.40 -10.07
N ARG A 142 -21.79 11.27 -10.25
CA ARG A 142 -22.13 11.80 -11.58
C ARG A 142 -21.03 12.72 -12.11
N LEU A 143 -20.41 13.51 -11.23
CA LEU A 143 -19.27 14.35 -11.61
C LEU A 143 -18.06 13.51 -12.02
N ALA A 144 -17.73 12.51 -11.21
CA ALA A 144 -16.64 11.58 -11.53
C ALA A 144 -16.81 10.89 -12.89
N GLU A 145 -18.03 10.43 -13.20
CA GLU A 145 -18.27 9.78 -14.49
C GLU A 145 -18.21 10.76 -15.67
N PHE A 146 -18.66 12.00 -15.46
CA PHE A 146 -18.49 13.06 -16.45
C PHE A 146 -17.01 13.32 -16.75
N LEU A 147 -16.18 13.47 -15.70
CA LEU A 147 -14.76 13.75 -15.88
C LEU A 147 -13.99 12.61 -16.54
N VAL A 148 -14.38 11.37 -16.26
CA VAL A 148 -13.79 10.19 -16.91
C VAL A 148 -14.13 10.15 -18.40
N GLN A 149 -15.38 10.46 -18.73
CA GLN A 149 -15.82 10.59 -20.12
C GLN A 149 -15.08 11.71 -20.86
N ALA A 150 -15.05 12.90 -20.24
CA ALA A 150 -14.29 14.04 -20.76
C ALA A 150 -12.81 13.71 -21.00
N ALA A 151 -12.20 12.94 -20.08
CA ALA A 151 -10.83 12.44 -20.25
C ALA A 151 -10.72 11.56 -21.49
N MET A 152 -11.69 10.67 -21.69
CA MET A 152 -11.73 9.82 -22.87
C MET A 152 -11.91 10.62 -24.17
N ASP A 153 -12.78 11.62 -24.14
CA ASP A 153 -13.10 12.41 -25.34
C ASP A 153 -12.02 13.42 -25.70
N THR A 154 -11.53 14.16 -24.70
CA THR A 154 -10.66 15.32 -24.91
C THR A 154 -9.24 15.15 -24.38
N GLY A 155 -9.04 14.13 -23.55
CA GLY A 155 -7.82 14.01 -22.76
C GLY A 155 -6.57 14.04 -23.60
N LEU A 156 -5.68 14.97 -23.26
CA LEU A 156 -4.37 15.03 -23.91
C LEU A 156 -3.29 14.71 -22.88
N LYS A 157 -2.48 13.72 -23.21
CA LYS A 157 -1.38 13.33 -22.35
C LYS A 157 -0.36 14.45 -22.22
N VAL A 158 -0.03 14.82 -20.98
CA VAL A 158 1.03 15.79 -20.67
C VAL A 158 1.97 15.15 -19.62
N PRO A 159 3.18 15.70 -19.42
CA PRO A 159 3.95 15.17 -18.28
C PRO A 159 3.18 15.25 -16.97
N GLN A 160 3.13 14.14 -16.24
CA GLN A 160 2.49 14.02 -14.93
C GLN A 160 0.97 13.95 -14.98
N GLY A 161 0.38 13.93 -16.17
CA GLY A 161 -1.08 13.89 -16.22
C GLY A 161 -1.78 13.90 -17.55
N ILE A 162 -3.01 14.39 -17.51
CA ILE A 162 -3.89 14.47 -18.65
C ILE A 162 -4.63 15.81 -18.55
N LYS A 163 -4.51 16.62 -19.60
CA LYS A 163 -5.25 17.86 -19.66
C LYS A 163 -6.65 17.60 -20.23
N LEU A 164 -7.65 18.08 -19.49
CA LEU A 164 -9.04 17.94 -19.89
C LEU A 164 -9.60 19.29 -20.29
N GLU A 165 -10.40 19.28 -21.35
CA GLU A 165 -11.22 20.43 -21.70
C GLU A 165 -12.67 20.05 -21.54
N LEU A 166 -13.33 20.69 -20.57
CA LEU A 166 -14.71 20.35 -20.22
C LEU A 166 -15.73 20.96 -21.17
N GLY A 167 -15.37 22.11 -21.77
CA GLY A 167 -16.24 22.83 -22.70
C GLY A 167 -17.36 23.56 -21.99
N LEU A 168 -17.42 23.41 -20.67
CA LEU A 168 -18.48 23.98 -19.84
C LEU A 168 -17.85 24.64 -18.61
N ASN A 169 -18.44 25.74 -18.16
CA ASN A 169 -18.04 26.35 -16.90
C ASN A 169 -18.78 25.68 -15.73
N THR A 170 -18.48 26.10 -14.49
CA THR A 170 -18.98 25.40 -13.30
C THR A 170 -20.51 25.39 -13.22
N GLU A 171 -21.14 26.52 -13.54
CA GLU A 171 -22.60 26.60 -13.60
C GLU A 171 -23.22 25.66 -14.64
N GLU A 172 -22.63 25.61 -15.82
CA GLU A 172 -23.13 24.78 -16.90
C GLU A 172 -23.00 23.29 -16.59
N ILE A 173 -21.89 22.90 -15.96
CA ILE A 173 -21.65 21.53 -15.50
C ILE A 173 -22.72 21.15 -14.47
N ALA A 174 -22.94 22.06 -13.51
CA ALA A 174 -23.98 21.90 -12.48
C ALA A 174 -25.36 21.67 -13.08
N LEU A 175 -25.71 22.48 -14.07
CA LEU A 175 -27.01 22.35 -14.75
C LEU A 175 -27.11 20.97 -15.40
N MET A 176 -26.06 20.57 -16.10
CA MET A 176 -25.99 19.27 -16.75
C MET A 176 -26.10 18.08 -15.78
N LEU A 177 -25.46 18.20 -14.62
CA LEU A 177 -25.44 17.09 -13.66
C LEU A 177 -26.59 17.12 -12.66
N GLY A 178 -27.49 18.09 -12.84
CA GLY A 178 -28.63 18.28 -11.95
C GLY A 178 -28.19 18.60 -10.52
N THR A 179 -27.32 19.59 -10.38
CA THR A 179 -26.87 20.02 -9.06
C THR A 179 -26.66 21.55 -9.01
N THR A 180 -26.04 22.04 -7.95
CA THR A 180 -25.75 23.47 -7.85
C THR A 180 -24.30 23.76 -8.22
N ARG A 181 -24.02 25.01 -8.59
CA ARG A 181 -22.67 25.46 -8.89
C ARG A 181 -21.75 25.21 -7.70
N GLN A 182 -22.27 25.51 -6.52
CA GLN A 182 -21.54 25.39 -5.25
C GLN A 182 -21.08 23.97 -4.97
N THR A 183 -21.95 23.00 -5.23
CA THR A 183 -21.65 21.59 -5.07
C THR A 183 -20.55 21.11 -6.03
N VAL A 184 -20.60 21.56 -7.28
CA VAL A 184 -19.57 21.19 -8.27
C VAL A 184 -18.21 21.69 -7.81
N SER A 185 -18.10 22.98 -7.47
CA SER A 185 -16.84 23.54 -7.01
C SER A 185 -16.28 22.83 -5.76
N VAL A 186 -17.14 22.55 -4.78
CA VAL A 186 -16.74 21.85 -3.56
C VAL A 186 -16.13 20.48 -3.89
N LEU A 187 -16.82 19.74 -4.77
CA LEU A 187 -16.38 18.41 -5.16
C LEU A 187 -15.14 18.45 -6.04
N LEU A 188 -15.02 19.48 -6.88
CA LEU A 188 -13.80 19.64 -7.66
C LEU A 188 -12.62 19.96 -6.76
N ASN A 189 -12.82 20.86 -5.80
CA ASN A 189 -11.77 21.16 -4.82
C ASN A 189 -11.36 19.95 -3.96
N ASP A 190 -12.31 19.09 -3.62
CA ASP A 190 -12.02 17.86 -2.88
C ASP A 190 -11.17 16.89 -3.70
N PHE A 191 -11.48 16.75 -4.99
CA PHE A 191 -10.66 15.97 -5.93
C PHE A 191 -9.22 16.50 -5.99
N LYS A 192 -9.09 17.83 -6.01
CA LYS A 192 -7.78 18.47 -5.89
C LYS A 192 -7.08 18.07 -4.58
N LYS A 193 -7.82 18.18 -3.47
CA LYS A 193 -7.32 17.84 -2.14
C LYS A 193 -6.85 16.39 -2.04
N MET A 194 -7.50 15.49 -2.77
CA MET A 194 -7.15 14.07 -2.81
C MET A 194 -5.96 13.77 -3.74
N GLY A 195 -5.50 14.79 -4.45
CA GLY A 195 -4.38 14.64 -5.41
C GLY A 195 -4.79 14.09 -6.78
N ILE A 196 -6.09 14.11 -7.06
CA ILE A 196 -6.64 13.59 -8.30
C ILE A 196 -6.46 14.56 -9.48
N LEU A 197 -6.59 15.86 -9.20
CA LEU A 197 -6.57 16.86 -10.27
C LEU A 197 -6.19 18.27 -9.81
N GLU A 198 -5.94 19.13 -10.80
CA GLU A 198 -5.79 20.55 -10.58
C GLU A 198 -6.78 21.30 -11.46
N ARG A 199 -7.32 22.39 -10.93
CA ARG A 199 -8.24 23.23 -11.69
C ARG A 199 -7.48 24.41 -12.30
N VAL A 200 -7.33 24.41 -13.63
CA VAL A 200 -6.67 25.53 -14.31
C VAL A 200 -7.60 26.76 -14.34
N ASN A 201 -8.87 26.51 -14.65
CA ASN A 201 -9.93 27.52 -14.59
C ASN A 201 -11.25 26.74 -14.52
N GLN A 202 -12.36 27.39 -14.85
CA GLN A 202 -13.68 26.73 -14.78
C GLN A 202 -13.88 25.63 -15.82
N ARG A 203 -13.09 25.67 -16.89
CA ARG A 203 -13.29 24.82 -18.07
C ARG A 203 -12.17 23.83 -18.34
N THR A 204 -11.03 24.01 -17.67
CA THR A 204 -9.83 23.23 -17.96
C THR A 204 -9.29 22.61 -16.69
N LEU A 205 -9.05 21.30 -16.74
CA LEU A 205 -8.52 20.58 -15.60
C LEU A 205 -7.27 19.86 -16.01
N LEU A 206 -6.35 19.71 -15.06
CA LEU A 206 -5.21 18.80 -15.21
C LEU A 206 -5.48 17.60 -14.33
N LEU A 207 -5.61 16.42 -14.94
CA LEU A 207 -5.86 15.18 -14.21
C LEU A 207 -4.57 14.47 -13.85
N LYS A 208 -4.30 14.38 -12.54
CA LYS A 208 -3.11 13.72 -12.06
C LYS A 208 -3.32 12.24 -11.73
N ASP A 209 -4.56 11.82 -11.46
CA ASP A 209 -4.84 10.40 -11.13
C ASP A 209 -6.19 9.95 -11.68
N LEU A 210 -6.21 9.60 -12.97
CA LEU A 210 -7.42 9.09 -13.62
C LEU A 210 -7.91 7.78 -13.00
N GLN A 211 -6.98 6.91 -12.63
CA GLN A 211 -7.33 5.62 -12.05
C GLN A 211 -8.12 5.78 -10.76
N LYS A 212 -7.67 6.65 -9.88
CA LYS A 212 -8.36 6.92 -8.61
C LYS A 212 -9.75 7.52 -8.85
N LEU A 213 -9.86 8.38 -9.86
CA LEU A 213 -11.12 9.01 -10.22
C LEU A 213 -12.14 8.00 -10.76
N LYS A 214 -11.68 7.02 -11.51
CA LYS A 214 -12.53 5.91 -11.97
C LYS A 214 -13.13 5.09 -10.81
N GLU A 215 -12.50 5.15 -9.64
CA GLU A 215 -13.01 4.50 -8.44
C GLU A 215 -14.28 5.20 -7.93
N PHE A 216 -14.38 6.50 -8.17
CA PHE A 216 -15.56 7.27 -7.79
C PHE A 216 -16.68 7.20 -8.82
N SER A 217 -16.33 6.79 -10.03
CA SER A 217 -17.29 6.55 -11.08
C SER A 217 -17.91 5.14 -10.98
N SER A 218 -17.41 4.32 -10.06
CA SER A 218 -17.90 2.95 -9.87
C SER A 218 -18.85 2.82 -8.67
N ALA B 1 -12.03 22.80 32.52
CA ALA B 1 -11.27 21.57 32.16
C ALA B 1 -11.79 20.93 30.86
N THR B 2 -11.51 21.57 29.72
CA THR B 2 -11.82 21.04 28.40
C THR B 2 -11.05 19.73 28.16
N GLN B 3 -11.79 18.69 27.78
CA GLN B 3 -11.32 17.30 27.87
C GLN B 3 -10.24 16.86 26.88
N MET B 4 -10.03 17.65 25.84
CA MET B 4 -9.04 17.33 24.82
C MET B 4 -7.64 17.84 25.19
N ARG B 5 -7.52 18.52 26.33
CA ARG B 5 -6.27 19.17 26.74
C ARG B 5 -5.20 18.19 27.24
N LEU B 6 -3.96 18.43 26.80
CA LEU B 6 -2.83 17.62 27.25
C LEU B 6 -2.07 18.32 28.37
N THR B 7 -2.43 19.57 28.61
CA THR B 7 -1.85 20.37 29.69
C THR B 7 -2.93 21.15 30.43
N ASP B 8 -2.72 21.34 31.73
CA ASP B 8 -3.66 22.04 32.61
C ASP B 8 -3.57 23.57 32.54
N THR B 9 -2.46 24.09 32.02
CA THR B 9 -2.29 25.54 31.92
C THR B 9 -2.72 26.08 30.55
N ASN B 10 -3.60 27.07 30.57
CA ASN B 10 -4.07 27.73 29.36
C ASN B 10 -2.93 28.40 28.60
N LEU B 11 -2.97 28.30 27.26
CA LEU B 11 -1.93 28.86 26.39
C LEU B 11 -1.75 30.37 26.55
N LEU B 12 -2.85 31.08 26.82
CA LEU B 12 -2.80 32.52 27.08
C LEU B 12 -1.95 32.89 28.31
N GLU B 13 -1.98 32.03 29.33
CA GLU B 13 -1.11 32.21 30.51
C GLU B 13 0.35 31.99 30.11
N VAL B 14 0.60 30.94 29.33
CA VAL B 14 1.94 30.58 28.86
C VAL B 14 2.53 31.69 27.98
N LEU B 15 1.73 32.21 27.06
CA LEU B 15 2.15 33.24 26.11
C LEU B 15 2.47 34.55 26.83
N ASN B 16 1.82 34.76 27.97
CA ASN B 16 2.03 35.97 28.77
C ASN B 16 3.09 35.81 29.86
N SER B 17 3.81 34.69 29.83
CA SER B 17 5.01 34.53 30.64
C SER B 17 6.18 35.23 29.93
N GLU B 18 7.23 35.56 30.67
CA GLU B 18 8.37 36.29 30.09
C GLU B 18 9.23 35.40 29.18
N GLU B 19 9.17 34.09 29.41
CA GLU B 19 9.86 33.11 28.58
C GLU B 19 9.26 33.03 27.18
N TYR B 20 8.01 33.52 27.06
CA TYR B 20 7.29 33.58 25.79
C TYR B 20 7.10 35.01 25.26
N SER B 21 7.62 35.99 25.99
CA SER B 21 7.56 37.39 25.55
C SER B 21 8.43 37.59 24.31
N GLY B 22 7.82 38.13 23.26
CA GLY B 22 8.50 38.27 21.97
C GLY B 22 7.84 37.43 20.88
N VAL B 23 7.16 36.37 21.32
CA VAL B 23 6.32 35.55 20.44
C VAL B 23 5.01 36.31 20.21
N LEU B 24 4.50 36.91 21.28
CA LEU B 24 3.30 37.75 21.25
C LEU B 24 3.44 38.86 20.22
N LYS B 25 4.65 39.41 20.11
CA LYS B 25 4.98 40.53 19.22
C LYS B 25 4.54 40.33 17.77
N GLU B 26 4.57 39.08 17.31
CA GLU B 26 4.29 38.73 15.92
C GLU B 26 2.79 38.60 15.62
N PHE B 27 1.99 38.59 16.68
CA PHE B 27 0.53 38.54 16.56
C PHE B 27 -0.10 39.94 16.57
N ARG B 28 -1.15 40.11 15.78
CA ARG B 28 -1.97 41.33 15.83
C ARG B 28 -3.35 40.96 16.36
N GLU B 29 -4.12 41.95 16.79
CA GLU B 29 -5.41 41.73 17.43
C GLU B 29 -6.58 42.16 16.53
N GLN B 30 -7.65 41.35 16.47
CA GLN B 30 -8.87 41.75 15.76
C GLN B 30 -10.15 41.37 16.53
N ARG B 31 -11.11 42.28 16.55
CA ARG B 31 -12.39 42.07 17.23
C ARG B 31 -13.51 41.69 16.27
N TYR B 32 -14.43 40.86 16.75
CA TYR B 32 -15.59 40.41 16.00
C TYR B 32 -16.81 40.37 16.90
N SER B 33 -17.91 40.95 16.43
CA SER B 33 -19.16 40.96 17.17
C SER B 33 -19.88 39.63 17.01
N LYS B 34 -20.81 39.34 17.93
CA LYS B 34 -21.58 38.09 17.92
C LYS B 34 -22.17 37.79 16.53
N LYS B 35 -22.04 36.54 16.09
CA LYS B 35 -22.57 36.08 14.77
C LYS B 35 -21.76 36.54 13.54
N ALA B 36 -20.75 37.38 13.74
CA ALA B 36 -19.87 37.81 12.64
C ALA B 36 -19.12 36.60 12.07
N ILE B 37 -19.04 36.53 10.74
CA ILE B 37 -18.21 35.50 10.10
C ILE B 37 -16.78 36.03 10.06
N LEU B 38 -15.90 35.36 10.79
CA LEU B 38 -14.48 35.70 10.82
C LEU B 38 -13.84 35.37 9.49
N TYR B 39 -14.02 34.13 9.06
CA TYR B 39 -13.35 33.62 7.87
C TYR B 39 -14.23 32.66 7.06
N THR B 40 -14.14 32.81 5.75
CA THR B 40 -14.70 31.86 4.82
C THR B 40 -13.58 30.83 4.53
N PRO B 41 -13.94 29.65 3.99
CA PRO B 41 -12.97 28.58 3.73
C PRO B 41 -11.76 28.99 2.92
N ASN B 42 -10.57 28.52 3.33
CA ASN B 42 -9.34 28.72 2.56
C ASN B 42 -9.18 30.17 2.04
N THR B 43 -9.10 31.12 2.97
CA THR B 43 -8.93 32.55 2.66
C THR B 43 -7.61 32.79 1.90
N GLU B 44 -7.55 33.87 1.14
CA GLU B 44 -6.36 34.20 0.36
C GLU B 44 -5.13 34.44 1.24
N ARG B 45 -5.37 35.07 2.39
CA ARG B 45 -4.31 35.29 3.36
C ARG B 45 -4.30 34.15 4.36
N ASN B 46 -3.22 33.37 4.35
CA ASN B 46 -3.07 32.21 5.22
C ASN B 46 -2.63 32.67 6.62
N LEU B 47 -3.55 32.57 7.57
CA LEU B 47 -3.32 33.07 8.93
C LEU B 47 -3.45 31.98 9.97
N VAL B 48 -2.62 32.07 11.01
CA VAL B 48 -2.82 31.29 12.21
C VAL B 48 -3.31 32.26 13.29
N PHE B 49 -4.43 31.92 13.93
CA PHE B 49 -4.99 32.78 14.96
C PHE B 49 -5.22 32.07 16.30
N LEU B 50 -5.31 32.89 17.33
CA LEU B 50 -5.51 32.45 18.70
C LEU B 50 -6.74 33.18 19.23
N VAL B 51 -7.69 32.44 19.80
CA VAL B 51 -8.83 33.09 20.43
C VAL B 51 -8.36 33.69 21.76
N LYS B 52 -8.52 35.02 21.88
CA LYS B 52 -8.16 35.74 23.10
C LYS B 52 -9.34 35.80 24.07
N SER B 53 -10.52 36.10 23.53
CA SER B 53 -11.77 35.99 24.29
C SER B 53 -12.95 35.63 23.41
N GLY B 54 -14.02 35.15 24.03
CA GLY B 54 -15.23 34.75 23.30
C GLY B 54 -15.24 33.28 22.94
N ARG B 55 -16.04 32.95 21.93
CA ARG B 55 -16.25 31.59 21.45
C ARG B 55 -16.39 31.65 19.94
N VAL B 56 -15.69 30.75 19.26
CA VAL B 56 -15.71 30.68 17.80
C VAL B 56 -16.14 29.29 17.34
N ARG B 57 -17.07 29.27 16.40
CA ARG B 57 -17.55 28.01 15.82
C ARG B 57 -16.86 27.74 14.49
N VAL B 58 -16.27 26.57 14.37
CA VAL B 58 -15.65 26.10 13.13
C VAL B 58 -16.65 25.10 12.56
N TYR B 59 -17.01 25.27 11.28
CA TYR B 59 -18.10 24.48 10.72
C TYR B 59 -18.07 24.31 9.21
N LEU B 60 -18.69 23.21 8.75
CA LEU B 60 -18.95 22.99 7.34
C LEU B 60 -20.33 23.52 7.04
N ALA B 61 -20.43 24.35 6.01
CA ALA B 61 -21.72 24.92 5.61
C ALA B 61 -22.15 24.41 4.25
N TYR B 62 -23.39 23.96 4.18
CA TYR B 62 -24.05 23.56 2.93
C TYR B 62 -25.28 24.43 2.75
N GLU B 63 -26.07 24.17 1.72
CA GLU B 63 -27.27 24.97 1.44
C GLU B 63 -28.36 24.79 2.50
N ASP B 64 -28.53 23.55 2.97
CA ASP B 64 -29.64 23.19 3.84
C ASP B 64 -29.26 22.84 5.28
N LYS B 65 -27.96 22.79 5.55
CA LYS B 65 -27.45 22.39 6.86
C LYS B 65 -26.02 22.84 7.11
N GLU B 66 -25.66 22.94 8.39
CA GLU B 66 -24.28 23.18 8.80
C GLU B 66 -23.90 22.10 9.79
N PHE B 67 -22.62 21.73 9.78
CA PHE B 67 -22.07 20.84 10.77
C PHE B 67 -20.98 21.53 11.56
N THR B 68 -21.18 21.64 12.86
CA THR B 68 -20.17 22.20 13.74
C THR B 68 -19.01 21.21 13.91
N LEU B 69 -17.81 21.64 13.56
CA LEU B 69 -16.61 20.81 13.70
C LEU B 69 -15.93 21.01 15.05
N ALA B 70 -15.90 22.26 15.52
CA ALA B 70 -15.33 22.56 16.83
C ALA B 70 -15.79 23.91 17.31
N ILE B 71 -15.69 24.10 18.61
CA ILE B 71 -15.95 25.38 19.25
C ILE B 71 -14.63 25.79 19.91
N LEU B 72 -14.04 26.85 19.40
CA LEU B 72 -12.78 27.35 19.94
C LEU B 72 -13.07 28.30 21.11
N GLU B 73 -12.34 28.11 22.20
CA GLU B 73 -12.45 28.97 23.39
C GLU B 73 -11.14 29.73 23.58
N ALA B 74 -11.08 30.59 24.60
CA ALA B 74 -9.88 31.37 24.90
C ALA B 74 -8.63 30.49 25.00
N GLY B 75 -7.57 30.90 24.30
CA GLY B 75 -6.35 30.11 24.23
C GLY B 75 -6.29 29.03 23.16
N ASP B 76 -7.37 28.85 22.40
CA ASP B 76 -7.39 27.85 21.30
C ASP B 76 -6.87 28.40 19.98
N ILE B 77 -6.06 27.59 19.31
CA ILE B 77 -5.43 27.96 18.02
C ILE B 77 -6.25 27.40 16.86
N PHE B 78 -6.25 28.13 15.75
CA PHE B 78 -6.78 27.64 14.49
C PHE B 78 -6.15 28.42 13.33
N CYS B 79 -6.60 28.14 12.12
CA CYS B 79 -5.99 28.73 10.93
C CYS B 79 -7.06 29.02 9.87
N THR B 80 -6.64 29.69 8.80
CA THR B 80 -7.56 30.03 7.73
C THR B 80 -7.42 29.11 6.51
N HIS B 81 -6.66 28.03 6.64
CA HIS B 81 -6.39 27.14 5.49
C HIS B 81 -7.16 25.81 5.51
N THR B 82 -8.39 25.86 6.01
CA THR B 82 -9.28 24.69 6.00
C THR B 82 -10.55 24.96 5.19
N ARG B 83 -11.24 23.88 4.84
CA ARG B 83 -12.52 23.94 4.14
C ARG B 83 -13.69 24.40 5.01
N ALA B 84 -13.41 24.83 6.23
CA ALA B 84 -14.45 25.22 7.17
C ALA B 84 -14.69 26.74 7.20
N PHE B 85 -15.93 27.13 7.46
CA PHE B 85 -16.27 28.51 7.83
C PHE B 85 -15.98 28.74 9.32
N ILE B 86 -15.84 30.01 9.71
CA ILE B 86 -15.46 30.35 11.08
C ILE B 86 -16.31 31.55 11.55
N GLN B 87 -17.12 31.33 12.58
CA GLN B 87 -18.09 32.34 13.03
C GLN B 87 -17.95 32.64 14.51
N ALA B 88 -18.19 33.90 14.87
CA ALA B 88 -18.22 34.35 16.26
C ALA B 88 -19.54 33.94 16.92
N MET B 89 -19.46 33.03 17.90
CA MET B 89 -20.64 32.65 18.68
C MET B 89 -21.01 33.66 19.76
N GLU B 90 -20.04 34.48 20.15
CA GLU B 90 -20.25 35.62 21.06
C GLU B 90 -19.24 36.71 20.68
N ASP B 91 -19.35 37.88 21.31
CA ASP B 91 -18.36 38.96 21.12
C ASP B 91 -16.97 38.34 21.30
N THR B 92 -16.13 38.50 20.27
CA THR B 92 -14.85 37.78 20.19
C THR B 92 -13.67 38.69 19.84
N THR B 93 -12.55 38.42 20.50
CA THR B 93 -11.28 39.06 20.17
C THR B 93 -10.30 37.95 19.82
N ILE B 94 -9.62 38.10 18.69
CA ILE B 94 -8.58 37.14 18.30
C ILE B 94 -7.21 37.80 18.19
N LEU B 95 -6.18 36.98 18.25
CA LEU B 95 -4.81 37.38 17.93
C LEU B 95 -4.37 36.54 16.73
N TYR B 96 -3.82 37.18 15.71
CA TYR B 96 -3.49 36.49 14.47
C TYR B 96 -2.10 36.82 13.92
N THR B 97 -1.51 35.85 13.22
CA THR B 97 -0.22 36.05 12.54
C THR B 97 -0.20 35.30 11.22
N ASP B 98 0.62 35.78 10.30
CA ASP B 98 0.84 35.11 9.02
C ASP B 98 1.46 33.74 9.27
N ILE B 99 1.08 32.77 8.44
CA ILE B 99 1.52 31.38 8.61
C ILE B 99 3.06 31.21 8.61
N ARG B 100 3.74 31.94 7.73
CA ARG B 100 5.20 31.88 7.61
C ARG B 100 5.89 32.21 8.93
N ASN B 101 5.23 33.04 9.73
CA ASN B 101 5.73 33.42 11.04
C ASN B 101 5.48 32.33 12.09
N PHE B 102 4.35 31.63 11.96
CA PHE B 102 3.95 30.61 12.92
C PHE B 102 4.73 29.31 12.77
N GLN B 103 5.28 29.07 11.57
CA GLN B 103 6.14 27.92 11.28
C GLN B 103 7.33 27.85 12.23
N ASN B 104 7.91 29.02 12.50
CA ASN B 104 9.05 29.15 13.40
C ASN B 104 8.70 28.90 14.86
N ILE B 105 7.62 29.52 15.34
CA ILE B 105 7.28 29.46 16.77
C ILE B 105 6.64 28.14 17.20
N VAL B 106 6.08 27.39 16.26
CA VAL B 106 5.49 26.09 16.58
C VAL B 106 6.54 25.00 16.83
N VAL B 107 7.70 25.14 16.20
CA VAL B 107 8.82 24.20 16.38
C VAL B 107 9.69 24.63 17.57
N GLU B 108 9.62 25.91 17.91
CA GLU B 108 10.49 26.49 18.94
C GLU B 108 9.83 26.56 20.31
N PHE B 109 8.54 26.90 20.32
CA PHE B 109 7.79 27.07 21.55
C PHE B 109 6.73 25.97 21.70
N PRO B 110 7.06 24.91 22.49
CA PRO B 110 6.32 23.65 22.63
C PRO B 110 4.84 23.75 22.97
N ALA B 111 4.42 24.81 23.67
CA ALA B 111 3.03 24.96 24.10
C ALA B 111 2.04 25.09 22.97
N PHE B 112 2.53 25.46 21.78
CA PHE B 112 1.66 25.66 20.63
C PHE B 112 1.17 24.35 20.01
N SER B 113 2.09 23.42 19.78
CA SER B 113 1.73 22.11 19.23
C SER B 113 0.84 21.30 20.19
N LEU B 114 1.06 21.46 21.49
CA LEU B 114 0.16 20.89 22.52
C LEU B 114 -1.29 21.35 22.40
N ASN B 115 -1.51 22.65 22.16
CA ASN B 115 -2.86 23.18 21.89
C ASN B 115 -3.44 22.75 20.52
N MET B 116 -2.60 22.74 19.49
CA MET B 116 -3.00 22.24 18.18
C MET B 116 -3.51 20.78 18.28
N VAL B 117 -2.78 19.96 19.04
CA VAL B 117 -3.17 18.57 19.25
C VAL B 117 -4.58 18.50 19.87
N LYS B 118 -4.84 19.36 20.86
CA LYS B 118 -6.14 19.46 21.54
C LYS B 118 -7.26 19.89 20.59
N VAL B 119 -6.95 20.85 19.72
CA VAL B 119 -7.94 21.40 18.79
C VAL B 119 -8.20 20.43 17.64
N LEU B 120 -7.15 19.84 17.07
CA LEU B 120 -7.32 18.88 15.97
C LEU B 120 -8.02 17.60 16.44
N GLY B 121 -7.71 17.14 17.66
CA GLY B 121 -8.42 16.02 18.29
C GLY B 121 -9.91 16.29 18.46
N ASP B 122 -10.25 17.49 18.91
CA ASP B 122 -11.64 17.91 19.00
C ASP B 122 -12.36 17.95 17.65
N LEU B 123 -11.72 18.53 16.64
CA LEU B 123 -12.25 18.54 15.27
C LEU B 123 -12.48 17.14 14.74
N LEU B 124 -11.52 16.25 14.97
CA LEU B 124 -11.64 14.86 14.53
C LEU B 124 -12.77 14.14 15.29
N LYS B 125 -12.86 14.39 16.59
CA LYS B 125 -13.92 13.83 17.42
C LYS B 125 -15.30 14.17 16.85
N ASN B 126 -15.54 15.43 16.55
CA ASN B 126 -16.81 15.88 16.00
C ASN B 126 -17.06 15.39 14.59
N SER B 127 -15.98 15.26 13.79
CA SER B 127 -16.04 14.73 12.43
C SER B 127 -16.53 13.28 12.38
N LEU B 128 -15.96 12.42 13.24
CA LEU B 128 -16.38 11.04 13.37
C LEU B 128 -17.85 10.91 13.76
N THR B 129 -18.31 11.76 14.68
CA THR B 129 -19.72 11.82 15.06
C THR B 129 -20.60 12.16 13.84
N ILE B 130 -20.17 13.16 13.07
CA ILE B 130 -20.85 13.60 11.84
C ILE B 130 -20.94 12.47 10.79
N ILE B 131 -19.86 11.74 10.62
CA ILE B 131 -19.80 10.62 9.68
C ILE B 131 -20.75 9.49 10.11
N ASN B 132 -20.69 9.10 11.39
CA ASN B 132 -21.65 8.17 11.99
C ASN B 132 -23.11 8.64 11.79
N GLY B 133 -23.34 9.94 12.00
CA GLY B 133 -24.65 10.57 11.84
C GLY B 133 -25.17 10.60 10.40
N LEU B 134 -24.26 10.67 9.44
CA LEU B 134 -24.63 10.58 8.03
C LEU B 134 -24.87 9.13 7.57
N VAL B 135 -23.98 8.22 7.95
CA VAL B 135 -24.19 6.80 7.65
C VAL B 135 -25.51 6.27 8.26
N PHE B 136 -25.82 6.69 9.49
CA PHE B 136 -27.04 6.29 10.19
C PHE B 136 -28.05 7.45 10.32
N LYS B 137 -28.17 8.28 9.28
CA LYS B 137 -29.02 9.48 9.35
C LYS B 137 -30.42 9.20 9.92
N ASP B 138 -31.12 8.22 9.35
CA ASP B 138 -32.51 7.94 9.69
C ASP B 138 -32.68 7.32 11.09
N ALA B 139 -31.90 6.28 11.37
CA ALA B 139 -31.84 5.71 12.70
C ALA B 139 -31.51 6.76 13.77
N ARG B 140 -30.58 7.66 13.46
CA ARG B 140 -30.20 8.71 14.40
C ARG B 140 -31.36 9.64 14.70
N LEU B 141 -32.04 10.10 13.65
CA LEU B 141 -33.21 10.94 13.79
C LEU B 141 -34.28 10.27 14.67
N ARG B 142 -34.61 9.02 14.36
CA ARG B 142 -35.57 8.25 15.15
C ARG B 142 -35.16 8.07 16.61
N LEU B 143 -33.89 7.79 16.84
CA LEU B 143 -33.41 7.64 18.22
C LEU B 143 -33.52 8.96 19.00
N ALA B 144 -33.10 10.07 18.37
CA ALA B 144 -33.10 11.37 19.03
C ALA B 144 -34.53 11.82 19.33
N GLU B 145 -35.44 11.52 18.42
CA GLU B 145 -36.86 11.82 18.60
C GLU B 145 -37.47 11.00 19.73
N PHE B 146 -37.14 9.71 19.74
CA PHE B 146 -37.53 8.78 20.80
C PHE B 146 -37.13 9.32 22.18
N LEU B 147 -35.87 9.75 22.30
CA LEU B 147 -35.31 10.24 23.56
C LEU B 147 -35.89 11.58 24.02
N VAL B 148 -36.03 12.53 23.10
CA VAL B 148 -36.64 13.85 23.41
C VAL B 148 -38.10 13.67 23.83
N GLN B 149 -38.81 12.82 23.08
CA GLN B 149 -40.20 12.45 23.36
C GLN B 149 -40.34 11.80 24.75
N ALA B 150 -39.45 10.86 25.06
CA ALA B 150 -39.44 10.23 26.38
C ALA B 150 -39.15 11.25 27.49
N ALA B 151 -38.21 12.16 27.22
CA ALA B 151 -37.83 13.21 28.16
C ALA B 151 -39.01 14.11 28.54
N MET B 152 -39.80 14.50 27.54
CA MET B 152 -40.93 15.37 27.77
C MET B 152 -42.11 14.65 28.40
N ASP B 153 -42.32 13.39 28.00
CA ASP B 153 -43.43 12.58 28.52
C ASP B 153 -43.20 12.11 29.95
N THR B 154 -42.03 11.51 30.20
CA THR B 154 -41.78 10.85 31.49
C THR B 154 -40.44 11.17 32.15
N GLY B 155 -39.64 12.04 31.53
CA GLY B 155 -38.40 12.50 32.14
C GLY B 155 -38.55 13.11 33.53
N LEU B 156 -37.57 12.85 34.38
CA LEU B 156 -37.60 13.35 35.76
C LEU B 156 -36.45 14.34 35.99
N LYS B 157 -36.78 15.50 36.54
CA LYS B 157 -35.78 16.54 36.82
C LYS B 157 -34.88 16.13 37.99
N VAL B 158 -33.58 16.17 37.74
CA VAL B 158 -32.54 15.82 38.71
C VAL B 158 -31.44 16.86 38.56
N PRO B 159 -30.58 17.03 39.59
CA PRO B 159 -29.57 18.10 39.51
C PRO B 159 -28.63 18.04 38.29
N GLN B 160 -28.34 16.83 37.82
CA GLN B 160 -27.46 16.64 36.66
C GLN B 160 -28.16 16.81 35.30
N GLY B 161 -29.47 16.62 35.27
CA GLY B 161 -30.24 16.89 34.06
C GLY B 161 -31.64 16.31 34.10
N ILE B 162 -31.92 15.41 33.15
CA ILE B 162 -33.20 14.73 33.08
C ILE B 162 -32.94 13.22 33.03
N LYS B 163 -33.41 12.53 34.07
CA LYS B 163 -33.26 11.08 34.17
C LYS B 163 -34.33 10.39 33.34
N LEU B 164 -33.91 9.51 32.43
CA LEU B 164 -34.84 8.77 31.58
C LEU B 164 -34.87 7.29 31.96
N GLU B 165 -35.86 6.91 32.75
CA GLU B 165 -36.09 5.52 33.06
C GLU B 165 -36.90 4.93 31.93
N LEU B 166 -36.21 4.52 30.88
CA LEU B 166 -36.87 4.05 29.65
C LEU B 166 -37.56 2.70 29.80
N GLY B 167 -37.08 1.89 30.74
CA GLY B 167 -37.57 0.50 30.91
C GLY B 167 -37.24 -0.40 29.74
N LEU B 168 -36.27 0.03 28.91
CA LEU B 168 -35.82 -0.68 27.71
C LEU B 168 -34.31 -0.69 27.62
N ASN B 169 -33.71 -1.84 27.32
CA ASN B 169 -32.28 -1.89 27.05
C ASN B 169 -32.05 -1.53 25.58
N THR B 170 -30.80 -1.48 25.18
CA THR B 170 -30.40 -1.10 23.82
C THR B 170 -31.00 -2.03 22.73
N GLU B 171 -31.03 -3.34 22.99
CA GLU B 171 -31.69 -4.33 22.13
C GLU B 171 -33.18 -3.98 21.91
N GLU B 172 -33.86 -3.65 23.00
CA GLU B 172 -35.29 -3.35 22.98
C GLU B 172 -35.58 -1.97 22.34
N ILE B 173 -34.69 -1.00 22.55
CA ILE B 173 -34.82 0.30 21.88
C ILE B 173 -34.72 0.15 20.35
N ALA B 174 -33.74 -0.65 19.92
CA ALA B 174 -33.52 -0.93 18.50
C ALA B 174 -34.75 -1.59 17.87
N LEU B 175 -35.36 -2.51 18.62
CA LEU B 175 -36.61 -3.15 18.19
C LEU B 175 -37.76 -2.16 18.07
N MET B 176 -37.87 -1.26 19.04
CA MET B 176 -38.89 -0.20 19.02
C MET B 176 -38.73 0.72 17.82
N LEU B 177 -37.48 1.02 17.46
CA LEU B 177 -37.19 1.99 16.40
C LEU B 177 -36.95 1.39 15.01
N GLY B 178 -36.99 0.07 14.90
CA GLY B 178 -36.73 -0.61 13.64
C GLY B 178 -35.29 -0.57 13.15
N THR B 179 -34.32 -0.53 14.06
CA THR B 179 -32.90 -0.68 13.67
C THR B 179 -32.24 -1.84 14.40
N THR B 180 -30.91 -1.90 14.34
CA THR B 180 -30.16 -2.95 15.01
C THR B 180 -29.63 -2.48 16.35
N ARG B 181 -29.40 -3.44 17.24
CA ARG B 181 -28.78 -3.21 18.54
C ARG B 181 -27.43 -2.52 18.36
N GLN B 182 -26.67 -2.98 17.37
CA GLN B 182 -25.37 -2.39 17.04
C GLN B 182 -25.43 -0.90 16.66
N THR B 183 -26.41 -0.53 15.85
CA THR B 183 -26.60 0.86 15.41
C THR B 183 -26.98 1.80 16.56
N VAL B 184 -27.97 1.41 17.38
CA VAL B 184 -28.37 2.18 18.55
C VAL B 184 -27.18 2.32 19.51
N SER B 185 -26.39 1.24 19.61
CA SER B 185 -25.20 1.22 20.44
C SER B 185 -24.15 2.25 20.01
N VAL B 186 -23.88 2.31 18.71
CA VAL B 186 -22.96 3.31 18.15
C VAL B 186 -23.50 4.71 18.45
N LEU B 187 -24.78 4.95 18.15
CA LEU B 187 -25.40 6.27 18.27
C LEU B 187 -25.48 6.79 19.72
N LEU B 188 -25.77 5.91 20.66
CA LEU B 188 -25.80 6.29 22.08
C LEU B 188 -24.41 6.66 22.59
N ASN B 189 -23.41 5.88 22.21
CA ASN B 189 -22.00 6.15 22.51
C ASN B 189 -21.59 7.53 21.98
N ASP B 190 -22.06 7.86 20.77
CA ASP B 190 -21.80 9.16 20.15
C ASP B 190 -22.45 10.30 20.94
N PHE B 191 -23.69 10.09 21.38
CA PHE B 191 -24.39 11.06 22.22
C PHE B 191 -23.66 11.27 23.55
N LYS B 192 -23.10 10.19 24.10
CA LYS B 192 -22.26 10.28 25.30
C LYS B 192 -21.03 11.14 25.05
N LYS B 193 -20.33 10.87 23.93
CA LYS B 193 -19.12 11.61 23.55
C LYS B 193 -19.42 13.09 23.33
N MET B 194 -20.66 13.41 23.00
CA MET B 194 -21.09 14.81 22.83
C MET B 194 -21.51 15.46 24.15
N GLY B 195 -21.49 14.68 25.22
CA GLY B 195 -21.92 15.15 26.53
C GLY B 195 -23.43 15.33 26.63
N ILE B 196 -24.15 14.72 25.69
CA ILE B 196 -25.62 14.78 25.66
C ILE B 196 -26.24 13.89 26.74
N LEU B 197 -25.62 12.74 26.98
CA LEU B 197 -26.17 11.80 27.94
C LEU B 197 -25.13 10.90 28.59
N GLU B 198 -25.55 10.25 29.67
CA GLU B 198 -24.78 9.23 30.37
C GLU B 198 -25.69 8.04 30.62
N ARG B 199 -25.09 6.87 30.78
CA ARG B 199 -25.78 5.65 31.16
C ARG B 199 -25.90 5.56 32.69
N VAL B 200 -27.12 5.37 33.19
CA VAL B 200 -27.34 5.22 34.64
C VAL B 200 -27.33 3.74 35.04
N ASN B 201 -28.17 2.94 34.38
CA ASN B 201 -28.12 1.47 34.47
C ASN B 201 -28.56 0.89 33.13
N GLN B 202 -28.90 -0.40 33.10
CA GLN B 202 -29.20 -1.06 31.81
C GLN B 202 -30.35 -0.41 31.05
N ARG B 203 -31.33 0.13 31.76
CA ARG B 203 -32.56 0.69 31.13
C ARG B 203 -32.78 2.17 31.39
N THR B 204 -31.78 2.82 31.99
CA THR B 204 -31.92 4.19 32.44
C THR B 204 -30.76 5.04 31.93
N LEU B 205 -31.10 6.22 31.40
CA LEU B 205 -30.12 7.18 30.90
C LEU B 205 -30.30 8.52 31.60
N LEU B 206 -29.21 9.26 31.73
CA LEU B 206 -29.24 10.60 32.25
C LEU B 206 -29.00 11.56 31.09
N LEU B 207 -30.03 12.31 30.74
CA LEU B 207 -29.94 13.33 29.70
C LEU B 207 -29.42 14.62 30.31
N LYS B 208 -28.16 14.93 30.01
CA LYS B 208 -27.51 16.12 30.57
C LYS B 208 -27.64 17.37 29.69
N ASP B 209 -27.92 17.17 28.40
CA ASP B 209 -28.11 18.27 27.47
C ASP B 209 -29.26 17.99 26.50
N LEU B 210 -30.49 18.17 27.00
CA LEU B 210 -31.71 17.97 26.20
C LEU B 210 -31.80 18.98 25.05
N GLN B 211 -31.51 20.24 25.35
CA GLN B 211 -31.64 21.31 24.36
C GLN B 211 -30.81 21.00 23.13
N LYS B 212 -29.61 20.46 23.33
CA LYS B 212 -28.75 20.03 22.23
C LYS B 212 -29.33 18.85 21.45
N LEU B 213 -29.87 17.86 22.18
CA LEU B 213 -30.50 16.69 21.56
C LEU B 213 -31.69 17.08 20.68
N LYS B 214 -32.41 18.13 21.09
CA LYS B 214 -33.52 18.70 20.31
C LYS B 214 -33.11 19.19 18.91
N GLU B 215 -31.81 19.44 18.72
CA GLU B 215 -31.28 19.79 17.40
C GLU B 215 -31.13 18.57 16.48
N PHE B 216 -30.91 17.40 17.07
CA PHE B 216 -30.75 16.14 16.31
C PHE B 216 -32.07 15.43 16.03
N SER B 217 -33.15 15.94 16.62
CA SER B 217 -34.49 15.40 16.39
C SER B 217 -35.24 16.16 15.28
N SER B 218 -34.58 17.16 14.71
CA SER B 218 -35.15 17.94 13.60
C SER B 218 -34.47 17.57 12.28
N ALA C 1 23.46 -19.59 -24.49
CA ALA C 1 24.05 -19.75 -23.13
C ALA C 1 23.71 -18.57 -22.23
N THR C 2 23.96 -18.72 -20.93
CA THR C 2 23.73 -17.66 -19.95
C THR C 2 24.79 -16.56 -20.06
N GLN C 3 24.37 -15.42 -20.58
CA GLN C 3 25.22 -14.25 -20.79
C GLN C 3 25.12 -13.28 -19.61
N MET C 4 24.62 -13.76 -18.47
CA MET C 4 24.49 -12.89 -17.28
C MET C 4 25.33 -13.30 -16.06
N ARG C 5 26.56 -13.71 -16.34
CA ARG C 5 27.58 -13.86 -15.30
C ARG C 5 28.00 -12.46 -14.86
N LEU C 6 28.31 -12.30 -13.58
CA LEU C 6 28.88 -11.06 -13.10
C LEU C 6 30.39 -11.19 -12.91
N THR C 7 30.87 -12.45 -12.94
CA THR C 7 32.29 -12.78 -12.89
C THR C 7 32.64 -13.70 -14.06
N ASP C 8 33.93 -13.83 -14.37
CA ASP C 8 34.41 -14.73 -15.40
C ASP C 8 34.88 -16.08 -14.86
N THR C 9 35.24 -16.11 -13.58
CA THR C 9 35.77 -17.31 -12.95
C THR C 9 34.66 -18.25 -12.52
N ASN C 10 34.86 -19.53 -12.76
CA ASN C 10 33.94 -20.56 -12.28
C ASN C 10 34.08 -20.72 -10.77
N LEU C 11 32.94 -20.91 -10.11
CA LEU C 11 32.87 -21.07 -8.67
C LEU C 11 33.72 -22.25 -8.19
N LEU C 12 33.72 -23.33 -8.94
CA LEU C 12 34.55 -24.50 -8.63
C LEU C 12 36.04 -24.16 -8.55
N GLU C 13 36.49 -23.27 -9.44
CA GLU C 13 37.87 -22.77 -9.40
C GLU C 13 38.15 -21.90 -8.17
N VAL C 14 37.27 -20.94 -7.90
CA VAL C 14 37.37 -20.08 -6.72
C VAL C 14 37.41 -20.93 -5.43
N LEU C 15 36.66 -22.02 -5.42
CA LEU C 15 36.64 -22.97 -4.32
C LEU C 15 37.94 -23.74 -4.05
N ASN C 16 38.84 -23.77 -5.02
CA ASN C 16 40.17 -24.35 -4.83
C ASN C 16 41.20 -23.30 -4.43
N SER C 17 40.73 -22.05 -4.37
CA SER C 17 41.55 -20.92 -3.95
C SER C 17 41.87 -21.04 -2.46
N GLU C 18 43.00 -20.47 -2.08
CA GLU C 18 43.47 -20.52 -0.70
C GLU C 18 42.58 -19.74 0.26
N GLU C 19 42.06 -18.60 -0.19
CA GLU C 19 41.16 -17.82 0.67
C GLU C 19 39.82 -18.52 0.89
N TYR C 20 39.58 -19.58 0.13
CA TYR C 20 38.37 -20.40 0.23
C TYR C 20 38.63 -21.77 0.86
N SER C 21 39.80 -21.95 1.46
CA SER C 21 40.13 -23.20 2.17
C SER C 21 39.08 -23.51 3.25
N GLY C 22 38.75 -24.79 3.39
CA GLY C 22 37.76 -25.25 4.35
C GLY C 22 36.30 -25.21 3.93
N VAL C 23 35.96 -24.40 2.93
CA VAL C 23 34.57 -24.32 2.46
C VAL C 23 34.09 -25.67 1.90
N LEU C 24 34.88 -26.31 1.05
CA LEU C 24 34.47 -27.59 0.45
C LEU C 24 34.06 -28.65 1.47
N LYS C 25 34.80 -28.72 2.57
CA LYS C 25 34.54 -29.56 3.74
C LYS C 25 33.10 -29.49 4.26
N GLU C 26 32.44 -28.35 4.05
CA GLU C 26 31.09 -28.13 4.56
C GLU C 26 30.04 -28.89 3.75
N PHE C 27 30.48 -29.41 2.60
CA PHE C 27 29.59 -30.04 1.64
C PHE C 27 29.76 -31.56 1.60
N ARG C 28 28.66 -32.26 1.36
CA ARG C 28 28.70 -33.70 1.10
C ARG C 28 28.50 -33.91 -0.40
N GLU C 29 28.83 -35.09 -0.88
CA GLU C 29 28.84 -35.39 -2.32
C GLU C 29 27.82 -36.46 -2.67
N GLN C 30 27.09 -36.24 -3.76
CA GLN C 30 26.10 -37.22 -4.26
C GLN C 30 26.12 -37.30 -5.78
N ARG C 31 26.15 -38.51 -6.31
CA ARG C 31 26.14 -38.76 -7.75
C ARG C 31 24.73 -39.13 -8.27
N TYR C 32 24.41 -38.66 -9.48
CA TYR C 32 23.13 -38.95 -10.13
C TYR C 32 23.33 -39.36 -11.59
N SER C 33 22.61 -40.40 -12.01
CA SER C 33 22.61 -40.84 -13.41
C SER C 33 21.72 -39.92 -14.27
N LYS C 34 21.81 -40.06 -15.59
CA LYS C 34 20.98 -39.28 -16.51
C LYS C 34 19.49 -39.48 -16.22
N LYS C 35 18.74 -38.38 -16.32
CA LYS C 35 17.27 -38.37 -16.16
C LYS C 35 16.77 -38.67 -14.75
N ALA C 36 17.69 -38.94 -13.83
CA ALA C 36 17.36 -39.07 -12.41
C ALA C 36 16.85 -37.75 -11.84
N ILE C 37 15.77 -37.85 -11.07
CA ILE C 37 15.21 -36.72 -10.34
C ILE C 37 15.96 -36.56 -9.02
N LEU C 38 16.75 -35.50 -8.93
CA LEU C 38 17.43 -35.14 -7.68
C LEU C 38 16.41 -34.79 -6.60
N TYR C 39 15.56 -33.81 -6.87
CA TYR C 39 14.60 -33.31 -5.89
C TYR C 39 13.25 -32.98 -6.52
N THR C 40 12.19 -33.20 -5.74
CA THR C 40 10.85 -32.74 -6.10
C THR C 40 10.62 -31.42 -5.36
N PRO C 41 9.54 -30.68 -5.69
CA PRO C 41 9.29 -29.40 -5.02
C PRO C 41 9.34 -29.46 -3.49
N ASN C 42 10.17 -28.58 -2.91
CA ASN C 42 10.20 -28.34 -1.47
C ASN C 42 10.36 -29.63 -0.66
N THR C 43 11.50 -30.31 -0.82
CA THR C 43 11.74 -31.59 -0.13
C THR C 43 11.76 -31.36 1.38
N GLU C 44 11.57 -32.43 2.16
CA GLU C 44 11.59 -32.36 3.62
C GLU C 44 12.83 -31.63 4.11
N ARG C 45 13.98 -32.01 3.52
CA ARG C 45 15.27 -31.45 3.84
C ARG C 45 15.54 -30.17 3.02
N ASN C 46 16.00 -29.13 3.70
CA ASN C 46 16.29 -27.85 3.07
C ASN C 46 17.79 -27.68 2.81
N LEU C 47 18.18 -27.87 1.55
CA LEU C 47 19.59 -27.97 1.17
C LEU C 47 19.98 -26.99 0.09
N VAL C 48 21.21 -26.49 0.17
CA VAL C 48 21.77 -25.73 -0.92
C VAL C 48 22.78 -26.65 -1.58
N PHE C 49 22.79 -26.69 -2.91
CA PHE C 49 23.76 -27.54 -3.60
C PHE C 49 24.46 -26.80 -4.73
N LEU C 50 25.54 -27.40 -5.18
CA LEU C 50 26.42 -26.85 -6.19
C LEU C 50 26.72 -28.00 -7.13
N VAL C 51 26.55 -27.78 -8.43
CA VAL C 51 26.86 -28.80 -9.42
C VAL C 51 28.38 -28.82 -9.59
N LYS C 52 28.98 -29.97 -9.31
CA LYS C 52 30.42 -30.16 -9.46
C LYS C 52 30.75 -30.53 -10.91
N SER C 53 30.04 -31.53 -11.42
CA SER C 53 30.16 -31.96 -12.81
C SER C 53 28.77 -32.37 -13.30
N GLY C 54 28.54 -32.23 -14.61
CA GLY C 54 27.27 -32.62 -15.22
C GLY C 54 26.38 -31.42 -15.50
N ARG C 55 25.09 -31.71 -15.69
CA ARG C 55 24.06 -30.71 -15.99
C ARG C 55 22.75 -31.07 -15.29
N VAL C 56 22.10 -30.05 -14.73
CA VAL C 56 20.86 -30.25 -13.99
C VAL C 56 19.79 -29.29 -14.50
N ARG C 57 18.62 -29.84 -14.85
CA ARG C 57 17.49 -29.02 -15.27
C ARG C 57 16.58 -28.67 -14.10
N VAL C 58 16.21 -27.39 -14.01
CA VAL C 58 15.18 -26.91 -13.07
C VAL C 58 13.94 -26.54 -13.88
N TYR C 59 12.79 -27.07 -13.47
CA TYR C 59 11.57 -27.00 -14.29
C TYR C 59 10.28 -27.15 -13.50
N LEU C 60 9.20 -26.63 -14.08
CA LEU C 60 7.86 -26.85 -13.57
C LEU C 60 7.26 -28.00 -14.35
N ALA C 61 6.57 -28.89 -13.66
CA ALA C 61 5.97 -30.04 -14.31
C ALA C 61 4.47 -30.09 -14.03
N TYR C 62 3.69 -30.15 -15.11
CA TYR C 62 2.25 -30.33 -15.03
C TYR C 62 1.90 -31.70 -15.63
N GLU C 63 0.60 -32.04 -15.61
CA GLU C 63 0.13 -33.36 -16.07
C GLU C 63 0.56 -33.70 -17.49
N ASP C 64 0.56 -32.70 -18.37
CA ASP C 64 0.93 -32.87 -19.78
C ASP C 64 1.82 -31.74 -20.29
N LYS C 65 2.49 -31.05 -19.36
CA LYS C 65 3.26 -29.84 -19.65
C LYS C 65 4.52 -29.77 -18.79
N GLU C 66 5.63 -29.35 -19.40
CA GLU C 66 6.83 -29.01 -18.65
C GLU C 66 7.39 -27.68 -19.13
N PHE C 67 7.82 -26.85 -18.19
CA PHE C 67 8.48 -25.59 -18.49
C PHE C 67 9.86 -25.55 -17.82
N THR C 68 10.91 -25.56 -18.62
CA THR C 68 12.27 -25.38 -18.14
C THR C 68 12.46 -23.95 -17.62
N LEU C 69 12.94 -23.85 -16.38
CA LEU C 69 13.21 -22.55 -15.77
C LEU C 69 14.69 -22.18 -15.87
N ALA C 70 15.56 -23.19 -15.85
CA ALA C 70 17.00 -23.00 -15.95
C ALA C 70 17.73 -24.31 -16.16
N ILE C 71 18.93 -24.20 -16.70
CA ILE C 71 19.84 -25.32 -16.77
C ILE C 71 21.05 -24.92 -15.92
N LEU C 72 21.35 -25.77 -14.93
CA LEU C 72 22.47 -25.56 -14.03
C LEU C 72 23.68 -26.31 -14.58
N GLU C 73 24.76 -25.57 -14.84
CA GLU C 73 26.03 -26.16 -15.25
C GLU C 73 26.95 -26.31 -14.03
N ALA C 74 28.14 -26.87 -14.26
CA ALA C 74 29.20 -26.93 -13.25
C ALA C 74 29.51 -25.55 -12.68
N GLY C 75 29.47 -25.44 -11.35
CA GLY C 75 29.72 -24.16 -10.69
C GLY C 75 28.45 -23.40 -10.36
N ASP C 76 27.30 -23.95 -10.75
CA ASP C 76 26.02 -23.33 -10.45
C ASP C 76 25.43 -23.85 -9.16
N ILE C 77 24.88 -22.91 -8.40
CA ILE C 77 24.20 -23.14 -7.12
C ILE C 77 22.69 -23.19 -7.33
N PHE C 78 22.02 -24.05 -6.58
CA PHE C 78 20.56 -23.99 -6.44
C PHE C 78 20.20 -24.60 -5.09
N CYS C 79 18.92 -24.84 -4.87
CA CYS C 79 18.41 -25.27 -3.56
C CYS C 79 17.21 -26.19 -3.73
N THR C 80 16.68 -26.66 -2.60
CA THR C 80 15.56 -27.59 -2.59
C THR C 80 14.30 -26.98 -1.99
N HIS C 81 14.29 -25.67 -1.79
CA HIS C 81 13.13 -25.00 -1.19
C HIS C 81 12.25 -24.25 -2.20
N THR C 82 12.27 -24.69 -3.46
CA THR C 82 11.43 -24.06 -4.50
C THR C 82 10.36 -25.01 -5.03
N ARG C 83 9.36 -24.45 -5.70
CA ARG C 83 8.26 -25.23 -6.30
C ARG C 83 8.63 -25.96 -7.61
N ALA C 84 9.91 -25.96 -7.95
CA ALA C 84 10.36 -26.59 -9.19
C ALA C 84 10.88 -28.00 -8.95
N PHE C 85 10.82 -28.82 -10.00
CA PHE C 85 11.44 -30.12 -10.04
C PHE C 85 12.89 -29.97 -10.51
N ILE C 86 13.72 -30.94 -10.13
CA ILE C 86 15.16 -30.88 -10.41
C ILE C 86 15.65 -32.23 -10.92
N GLN C 87 16.12 -32.24 -12.17
CA GLN C 87 16.48 -33.46 -12.87
C GLN C 87 17.90 -33.38 -13.46
N ALA C 88 18.59 -34.51 -13.44
CA ALA C 88 19.90 -34.62 -14.06
C ALA C 88 19.75 -34.80 -15.56
N MET C 89 20.36 -33.92 -16.34
CA MET C 89 20.37 -34.06 -17.80
C MET C 89 21.48 -35.02 -18.24
N GLU C 90 22.58 -34.96 -17.51
CA GLU C 90 23.77 -35.79 -17.74
C GLU C 90 24.07 -36.56 -16.47
N ASP C 91 25.13 -37.37 -16.47
CA ASP C 91 25.70 -37.88 -15.22
C ASP C 91 26.22 -36.70 -14.44
N THR C 92 25.75 -36.51 -13.22
CA THR C 92 26.13 -35.32 -12.47
C THR C 92 26.57 -35.63 -11.06
N THR C 93 27.55 -34.86 -10.59
CA THR C 93 27.95 -34.88 -9.19
C THR C 93 27.61 -33.53 -8.57
N ILE C 94 26.93 -33.58 -7.43
CA ILE C 94 26.62 -32.36 -6.68
C ILE C 94 27.32 -32.35 -5.32
N LEU C 95 27.53 -31.13 -4.81
CA LEU C 95 28.01 -30.92 -3.47
C LEU C 95 26.88 -30.19 -2.75
N TYR C 96 26.43 -30.75 -1.62
CA TYR C 96 25.28 -30.20 -0.91
C TYR C 96 25.58 -30.00 0.56
N THR C 97 24.94 -28.98 1.12
CA THR C 97 25.01 -28.69 2.54
C THR C 97 23.64 -28.22 3.04
N ASP C 98 23.41 -28.29 4.34
CA ASP C 98 22.19 -27.76 4.94
C ASP C 98 22.12 -26.25 4.78
N ILE C 99 20.93 -25.74 4.53
CA ILE C 99 20.74 -24.29 4.39
C ILE C 99 21.37 -23.48 5.55
N ARG C 100 21.39 -24.06 6.75
CA ARG C 100 21.90 -23.37 7.95
C ARG C 100 23.41 -23.17 7.92
N ASN C 101 24.12 -24.09 7.27
CA ASN C 101 25.56 -23.94 7.02
C ASN C 101 25.79 -22.92 5.91
N PHE C 102 25.00 -23.02 4.83
CA PHE C 102 25.12 -22.11 3.69
C PHE C 102 24.88 -20.65 4.07
N GLN C 103 24.03 -20.42 5.07
CA GLN C 103 23.78 -19.08 5.61
C GLN C 103 25.07 -18.33 5.99
N ASN C 104 25.99 -19.03 6.63
CA ASN C 104 27.28 -18.45 7.01
C ASN C 104 28.21 -18.33 5.82
N ILE C 105 28.19 -19.34 4.96
CA ILE C 105 29.00 -19.37 3.74
C ILE C 105 28.71 -18.18 2.82
N VAL C 106 27.44 -17.98 2.48
CA VAL C 106 27.03 -16.95 1.53
C VAL C 106 27.37 -15.53 2.01
N VAL C 107 27.36 -15.32 3.33
CA VAL C 107 27.69 -14.03 3.96
C VAL C 107 29.20 -13.73 3.91
N GLU C 108 30.02 -14.77 4.03
CA GLU C 108 31.47 -14.59 4.13
C GLU C 108 32.22 -14.75 2.80
N PHE C 109 31.70 -15.57 1.90
CA PHE C 109 32.40 -15.93 0.66
C PHE C 109 31.66 -15.43 -0.57
N PRO C 110 32.02 -14.23 -1.06
CA PRO C 110 31.31 -13.44 -2.05
C PRO C 110 30.95 -14.17 -3.34
N ALA C 111 31.81 -15.08 -3.82
CA ALA C 111 31.57 -15.77 -5.07
C ALA C 111 30.26 -16.58 -5.16
N PHE C 112 29.78 -17.12 -4.02
CA PHE C 112 28.50 -17.86 -4.02
C PHE C 112 27.32 -16.96 -4.39
N SER C 113 27.28 -15.79 -3.76
CA SER C 113 26.30 -14.73 -4.03
C SER C 113 26.26 -14.29 -5.50
N LEU C 114 27.44 -14.13 -6.09
CA LEU C 114 27.56 -13.71 -7.49
C LEU C 114 26.98 -14.76 -8.43
N ASN C 115 27.20 -16.03 -8.11
CA ASN C 115 26.62 -17.13 -8.88
C ASN C 115 25.10 -17.17 -8.74
N MET C 116 24.59 -16.97 -7.52
CA MET C 116 23.15 -17.00 -7.26
C MET C 116 22.40 -15.93 -8.06
N VAL C 117 22.93 -14.71 -8.06
CA VAL C 117 22.40 -13.61 -8.88
C VAL C 117 22.31 -14.01 -10.36
N LYS C 118 23.34 -14.68 -10.86
CA LYS C 118 23.37 -15.22 -12.23
C LYS C 118 22.33 -16.30 -12.47
N VAL C 119 22.26 -17.28 -11.58
CA VAL C 119 21.27 -18.37 -11.70
C VAL C 119 19.84 -17.83 -11.55
N LEU C 120 19.60 -16.99 -10.54
CA LEU C 120 18.28 -16.42 -10.30
C LEU C 120 17.83 -15.47 -11.43
N GLY C 121 18.79 -14.79 -12.06
CA GLY C 121 18.53 -14.00 -13.26
C GLY C 121 18.08 -14.82 -14.46
N ASP C 122 18.74 -15.96 -14.69
CA ASP C 122 18.36 -16.87 -15.77
C ASP C 122 16.98 -17.48 -15.53
N LEU C 123 16.67 -17.81 -14.27
CA LEU C 123 15.34 -18.31 -13.93
C LEU C 123 14.25 -17.27 -14.18
N LEU C 124 14.52 -16.02 -13.81
CA LEU C 124 13.54 -14.96 -13.97
C LEU C 124 13.32 -14.60 -15.44
N LYS C 125 14.41 -14.52 -16.21
CA LYS C 125 14.36 -14.34 -17.67
C LYS C 125 13.46 -15.39 -18.34
N ASN C 126 13.71 -16.66 -18.05
CA ASN C 126 12.88 -17.75 -18.55
C ASN C 126 11.44 -17.67 -18.04
N SER C 127 11.26 -17.33 -16.77
CA SER C 127 9.92 -17.16 -16.20
C SER C 127 9.10 -16.11 -16.93
N LEU C 128 9.72 -14.97 -17.23
CA LEU C 128 9.04 -13.87 -17.94
C LEU C 128 8.62 -14.26 -19.36
N THR C 129 9.48 -14.99 -20.06
CA THR C 129 9.20 -15.55 -21.38
C THR C 129 8.02 -16.52 -21.33
N ILE C 130 8.01 -17.38 -20.32
CA ILE C 130 6.93 -18.35 -20.10
C ILE C 130 5.60 -17.62 -19.89
N ILE C 131 5.62 -16.61 -19.01
CA ILE C 131 4.42 -15.82 -18.71
C ILE C 131 3.85 -15.17 -19.97
N ASN C 132 4.69 -14.46 -20.75
CA ASN C 132 4.27 -13.91 -22.05
C ASN C 132 3.75 -15.02 -22.97
N GLY C 133 4.39 -16.17 -22.92
CA GLY C 133 4.01 -17.30 -23.76
C GLY C 133 2.62 -17.80 -23.41
N LEU C 134 2.25 -17.68 -22.15
CA LEU C 134 0.94 -18.12 -21.68
C LEU C 134 -0.17 -17.09 -21.93
N VAL C 135 0.08 -15.83 -21.57
CA VAL C 135 -0.83 -14.72 -21.84
C VAL C 135 -1.15 -14.62 -23.34
N PHE C 136 -0.12 -14.83 -24.16
CA PHE C 136 -0.25 -14.72 -25.63
C PHE C 136 -0.15 -16.08 -26.34
N LYS C 137 -0.73 -17.12 -25.75
CA LYS C 137 -0.62 -18.49 -26.25
C LYS C 137 -0.97 -18.65 -27.75
N ASP C 138 -2.16 -18.22 -28.14
CA ASP C 138 -2.62 -18.39 -29.51
C ASP C 138 -1.85 -17.50 -30.48
N ALA C 139 -1.58 -16.26 -30.06
CA ALA C 139 -0.83 -15.32 -30.88
C ALA C 139 0.60 -15.80 -31.16
N ARG C 140 1.24 -16.44 -30.18
CA ARG C 140 2.62 -16.89 -30.35
C ARG C 140 2.70 -18.02 -31.38
N LEU C 141 1.73 -18.93 -31.29
CA LEU C 141 1.60 -20.06 -32.21
C LEU C 141 1.44 -19.58 -33.66
N ARG C 142 0.56 -18.61 -33.88
CA ARG C 142 0.29 -18.06 -35.20
C ARG C 142 1.49 -17.27 -35.75
N LEU C 143 2.17 -16.53 -34.87
CA LEU C 143 3.37 -15.78 -35.26
C LEU C 143 4.49 -16.72 -35.70
N ALA C 144 4.74 -17.77 -34.91
CA ALA C 144 5.77 -18.75 -35.23
C ALA C 144 5.51 -19.44 -36.56
N GLU C 145 4.26 -19.83 -36.76
CA GLU C 145 3.80 -20.47 -38.00
C GLU C 145 4.09 -19.56 -39.20
N PHE C 146 3.65 -18.30 -39.11
CA PHE C 146 3.92 -17.30 -40.16
C PHE C 146 5.41 -17.11 -40.46
N LEU C 147 6.25 -17.01 -39.43
CA LEU C 147 7.70 -16.86 -39.61
C LEU C 147 8.36 -18.10 -40.24
N VAL C 148 7.89 -19.29 -39.86
CA VAL C 148 8.37 -20.55 -40.44
C VAL C 148 8.02 -20.63 -41.94
N GLN C 149 6.82 -20.18 -42.30
CA GLN C 149 6.39 -20.12 -43.69
C GLN C 149 7.12 -19.03 -44.48
N ALA C 150 7.26 -17.85 -43.88
CA ALA C 150 8.05 -16.77 -44.48
C ALA C 150 9.47 -17.22 -44.77
N ALA C 151 10.06 -18.00 -43.85
CA ALA C 151 11.40 -18.60 -44.03
C ALA C 151 11.48 -19.55 -45.24
N MET C 152 10.48 -20.39 -45.43
CA MET C 152 10.40 -21.27 -46.61
C MET C 152 10.26 -20.44 -47.91
N ASP C 153 9.43 -19.41 -47.86
CA ASP C 153 9.08 -18.62 -49.04
C ASP C 153 10.12 -17.58 -49.45
N THR C 154 10.68 -16.88 -48.46
CA THR C 154 11.60 -15.78 -48.73
C THR C 154 13.02 -15.99 -48.20
N GLY C 155 13.22 -17.05 -47.41
CA GLY C 155 14.44 -17.19 -46.66
C GLY C 155 15.71 -17.25 -47.49
N LEU C 156 16.68 -16.41 -47.12
CA LEU C 156 17.98 -16.44 -47.78
C LEU C 156 19.05 -16.90 -46.80
N LYS C 157 19.77 -17.95 -47.18
CA LYS C 157 20.85 -18.50 -46.36
C LYS C 157 21.96 -17.46 -46.19
N VAL C 158 22.27 -17.13 -44.94
CA VAL C 158 23.39 -16.24 -44.63
C VAL C 158 24.28 -17.00 -43.63
N PRO C 159 25.56 -16.57 -43.46
CA PRO C 159 26.36 -17.18 -42.41
C PRO C 159 25.69 -17.11 -41.04
N GLN C 160 25.62 -18.26 -40.38
CA GLN C 160 25.00 -18.42 -39.04
C GLN C 160 23.47 -18.28 -39.03
N GLY C 161 22.82 -18.21 -40.17
CA GLY C 161 21.36 -18.07 -40.15
C GLY C 161 20.62 -17.94 -41.45
N ILE C 162 19.42 -17.35 -41.37
CA ILE C 162 18.53 -17.16 -42.50
C ILE C 162 17.92 -15.77 -42.45
N LYS C 163 18.01 -15.01 -43.54
CA LYS C 163 17.41 -13.69 -43.61
C LYS C 163 15.96 -13.77 -44.10
N LEU C 164 15.03 -13.27 -43.28
CA LEU C 164 13.61 -13.23 -43.64
C LEU C 164 13.19 -11.86 -44.10
N GLU C 165 12.43 -11.82 -45.19
CA GLU C 165 11.72 -10.60 -45.59
C GLU C 165 10.23 -10.84 -45.43
N LEU C 166 9.61 -10.10 -44.52
CA LEU C 166 8.22 -10.31 -44.17
C LEU C 166 7.23 -9.53 -45.05
N GLY C 167 7.71 -8.44 -45.66
CA GLY C 167 6.88 -7.63 -46.54
C GLY C 167 5.76 -6.89 -45.81
N LEU C 168 5.76 -6.95 -44.49
CA LEU C 168 4.76 -6.31 -43.66
C LEU C 168 5.45 -5.74 -42.44
N ASN C 169 5.01 -4.56 -42.01
CA ASN C 169 5.47 -4.02 -40.73
C ASN C 169 4.67 -4.64 -39.57
N THR C 170 5.03 -4.28 -38.35
CA THR C 170 4.43 -4.87 -37.14
C THR C 170 2.90 -4.75 -37.06
N GLU C 171 2.35 -3.59 -37.39
CA GLU C 171 0.90 -3.37 -37.41
C GLU C 171 0.18 -4.21 -38.47
N GLU C 172 0.81 -4.34 -39.64
CA GLU C 172 0.25 -5.16 -40.72
C GLU C 172 0.31 -6.65 -40.38
N ILE C 173 1.39 -7.08 -39.72
CA ILE C 173 1.50 -8.45 -39.20
C ILE C 173 0.41 -8.73 -38.16
N ALA C 174 0.33 -7.86 -37.14
CA ALA C 174 -0.72 -7.93 -36.13
C ALA C 174 -2.12 -8.10 -36.74
N LEU C 175 -2.43 -7.28 -37.74
CA LEU C 175 -3.71 -7.33 -38.42
C LEU C 175 -3.97 -8.69 -39.06
N MET C 176 -2.99 -9.17 -39.84
CA MET C 176 -3.07 -10.47 -40.49
C MET C 176 -3.30 -11.62 -39.50
N LEU C 177 -2.60 -11.57 -38.37
CA LEU C 177 -2.66 -12.65 -37.38
C LEU C 177 -3.81 -12.49 -36.41
N GLY C 178 -4.62 -11.45 -36.61
CA GLY C 178 -5.76 -11.17 -35.74
C GLY C 178 -5.32 -10.89 -34.33
N THR C 179 -4.35 -10.00 -34.18
CA THR C 179 -3.83 -9.63 -32.88
C THR C 179 -3.42 -8.15 -32.81
N THR C 180 -2.84 -7.76 -31.69
CA THR C 180 -2.37 -6.39 -31.48
C THR C 180 -0.92 -6.21 -31.94
N ARG C 181 -0.59 -4.98 -32.36
CA ARG C 181 0.77 -4.57 -32.69
C ARG C 181 1.72 -4.83 -31.54
N GLN C 182 1.25 -4.53 -30.33
CA GLN C 182 2.05 -4.63 -29.11
C GLN C 182 2.39 -6.08 -28.79
N THR C 183 1.40 -6.96 -28.97
CA THR C 183 1.56 -8.41 -28.85
C THR C 183 2.64 -8.95 -29.80
N VAL C 184 2.58 -8.54 -31.06
CA VAL C 184 3.61 -8.95 -32.03
C VAL C 184 5.02 -8.53 -31.58
N SER C 185 5.17 -7.26 -31.21
CA SER C 185 6.44 -6.72 -30.77
C SER C 185 6.99 -7.39 -29.49
N VAL C 186 6.13 -7.67 -28.51
CA VAL C 186 6.52 -8.39 -27.29
C VAL C 186 7.06 -9.79 -27.66
N LEU C 187 6.28 -10.52 -28.46
CA LEU C 187 6.64 -11.86 -28.90
C LEU C 187 7.90 -11.91 -29.77
N LEU C 188 8.05 -11.02 -30.74
CA LEU C 188 9.30 -10.98 -31.51
C LEU C 188 10.49 -10.65 -30.60
N ASN C 189 10.30 -9.72 -29.65
CA ASN C 189 11.35 -9.43 -28.68
C ASN C 189 11.69 -10.62 -27.78
N ASP C 190 10.68 -11.43 -27.44
CA ASP C 190 10.91 -12.67 -26.68
C ASP C 190 11.70 -13.67 -27.51
N PHE C 191 11.38 -13.80 -28.79
CA PHE C 191 12.17 -14.64 -29.71
C PHE C 191 13.64 -14.18 -29.78
N LYS C 192 13.87 -12.87 -29.81
CA LYS C 192 15.24 -12.32 -29.71
C LYS C 192 15.94 -12.74 -28.41
N LYS C 193 15.22 -12.63 -27.29
CA LYS C 193 15.72 -13.03 -25.96
C LYS C 193 16.15 -14.50 -25.93
N MET C 194 15.39 -15.34 -26.62
CA MET C 194 15.63 -16.77 -26.67
C MET C 194 16.77 -17.14 -27.61
N GLY C 195 17.31 -16.13 -28.30
CA GLY C 195 18.38 -16.37 -29.27
C GLY C 195 17.90 -16.94 -30.60
N ILE C 196 16.59 -16.88 -30.84
CA ILE C 196 15.97 -17.38 -32.08
C ILE C 196 16.18 -16.45 -33.30
N LEU C 197 16.14 -15.14 -33.07
CA LEU C 197 16.21 -14.18 -34.17
C LEU C 197 16.72 -12.82 -33.74
N GLU C 198 17.02 -11.98 -34.75
CA GLU C 198 17.27 -10.56 -34.53
C GLU C 198 16.32 -9.76 -35.42
N ARG C 199 15.84 -8.64 -34.91
CA ARG C 199 15.02 -7.74 -35.70
C ARG C 199 15.88 -6.66 -36.35
N VAL C 200 16.02 -6.70 -37.67
CA VAL C 200 16.79 -5.68 -38.41
C VAL C 200 15.99 -4.38 -38.42
N ASN C 201 14.70 -4.51 -38.77
CA ASN C 201 13.70 -3.45 -38.72
C ASN C 201 12.35 -4.15 -38.62
N GLN C 202 11.28 -3.43 -38.93
CA GLN C 202 9.94 -4.03 -38.81
C GLN C 202 9.64 -5.10 -39.85
N ARG C 203 10.35 -5.06 -40.98
CA ARG C 203 10.07 -5.97 -42.11
C ARG C 203 11.09 -7.08 -42.31
N THR C 204 12.26 -6.91 -41.73
CA THR C 204 13.38 -7.82 -41.97
C THR C 204 13.86 -8.41 -40.66
N LEU C 205 14.00 -9.74 -40.65
CA LEU C 205 14.50 -10.47 -39.50
C LEU C 205 15.68 -11.33 -39.90
N LEU C 206 16.59 -11.56 -38.96
CA LEU C 206 17.64 -12.57 -39.14
C LEU C 206 17.29 -13.72 -38.24
N LEU C 207 17.02 -14.87 -38.85
CA LEU C 207 16.69 -16.09 -38.13
C LEU C 207 17.96 -16.87 -37.78
N LYS C 208 18.27 -17.02 -36.50
CA LYS C 208 19.44 -17.78 -36.08
C LYS C 208 19.11 -19.20 -35.62
N ASP C 209 17.85 -19.44 -35.24
CA ASP C 209 17.43 -20.77 -34.82
C ASP C 209 16.04 -21.14 -35.36
N LEU C 210 15.99 -21.52 -36.64
CA LEU C 210 14.75 -21.98 -37.27
C LEU C 210 14.12 -23.16 -36.55
N GLN C 211 14.93 -24.15 -36.18
CA GLN C 211 14.45 -25.33 -35.45
C GLN C 211 13.71 -24.97 -34.17
N LYS C 212 14.34 -24.14 -33.35
CA LYS C 212 13.75 -23.67 -32.09
C LYS C 212 12.40 -22.99 -32.35
N LEU C 213 12.32 -22.24 -33.44
CA LEU C 213 11.10 -21.54 -33.82
C LEU C 213 9.98 -22.49 -34.26
N LYS C 214 10.35 -23.59 -34.90
CA LYS C 214 9.39 -24.63 -35.29
C LYS C 214 8.72 -25.32 -34.09
N GLU C 215 9.39 -25.30 -32.93
CA GLU C 215 8.79 -25.82 -31.68
C GLU C 215 7.55 -25.01 -31.31
N PHE C 216 7.56 -23.71 -31.62
CA PHE C 216 6.43 -22.83 -31.32
C PHE C 216 5.30 -22.86 -32.36
N SER C 217 5.44 -23.70 -33.39
CA SER C 217 4.36 -23.95 -34.35
C SER C 217 3.67 -25.27 -34.01
N SER C 218 3.60 -25.58 -32.72
CA SER C 218 3.03 -26.84 -32.19
C SER C 218 3.84 -28.08 -32.61
N ALA D 1 13.12 -7.27 6.36
CA ALA D 1 11.74 -6.99 5.86
C ALA D 1 11.09 -8.27 5.34
N THR D 2 11.44 -8.65 4.12
CA THR D 2 10.92 -9.84 3.48
C THR D 2 11.66 -11.08 3.99
N GLN D 3 11.03 -12.26 3.82
CA GLN D 3 11.64 -13.52 4.19
C GLN D 3 12.78 -13.93 3.24
N MET D 4 12.92 -13.22 2.13
CA MET D 4 13.97 -13.52 1.13
C MET D 4 15.37 -13.02 1.53
N ARG D 5 15.47 -12.34 2.67
CA ARG D 5 16.73 -11.69 3.07
C ARG D 5 17.79 -12.68 3.56
N LEU D 6 19.04 -12.42 3.16
CA LEU D 6 20.18 -13.23 3.59
C LEU D 6 20.97 -12.51 4.68
N THR D 7 20.55 -11.29 4.99
CA THR D 7 21.15 -10.46 6.05
C THR D 7 20.07 -9.65 6.77
N ASP D 8 20.32 -9.34 8.04
CA ASP D 8 19.38 -8.55 8.84
C ASP D 8 19.69 -7.05 8.87
N THR D 9 20.65 -6.64 8.05
CA THR D 9 21.06 -5.24 7.98
C THR D 9 20.70 -4.66 6.62
N ASN D 10 19.78 -3.70 6.62
CA ASN D 10 19.35 -2.96 5.43
C ASN D 10 20.53 -2.38 4.67
N LEU D 11 20.50 -2.52 3.35
CA LEU D 11 21.60 -2.07 2.49
C LEU D 11 21.94 -0.58 2.66
N LEU D 12 20.94 0.24 2.97
CA LEU D 12 21.15 1.68 3.19
C LEU D 12 22.05 1.95 4.39
N GLU D 13 21.87 1.16 5.46
CA GLU D 13 22.71 1.23 6.64
C GLU D 13 24.17 0.89 6.31
N VAL D 14 24.35 -0.11 5.45
CA VAL D 14 25.68 -0.58 5.04
C VAL D 14 26.35 0.43 4.10
N LEU D 15 25.56 0.98 3.17
CA LEU D 15 26.06 1.91 2.17
C LEU D 15 26.42 3.28 2.77
N ASN D 16 25.72 3.66 3.84
CA ASN D 16 26.00 4.92 4.53
C ASN D 16 27.13 4.81 5.58
N SER D 17 27.55 3.58 5.88
CA SER D 17 28.66 3.34 6.81
C SER D 17 29.99 3.80 6.22
N GLU D 18 30.87 4.31 7.08
CA GLU D 18 32.15 4.87 6.64
C GLU D 18 33.21 3.83 6.24
N GLU D 19 32.74 2.77 5.58
CA GLU D 19 33.60 1.77 4.95
C GLU D 19 33.08 1.48 3.54
N TYR D 20 31.86 1.98 3.27
CA TYR D 20 31.29 2.05 1.93
C TYR D 20 31.28 3.52 1.48
N SER D 21 32.39 4.21 1.78
CA SER D 21 32.51 5.66 1.58
C SER D 21 32.74 6.04 0.11
N GLY D 22 33.50 5.16 -0.61
CA GLY D 22 33.86 5.43 -2.00
C GLY D 22 32.80 5.08 -3.03
N VAL D 23 31.88 4.19 -2.65
CA VAL D 23 30.84 3.71 -3.56
C VAL D 23 29.61 4.61 -3.66
N LEU D 24 29.25 5.25 -2.54
CA LEU D 24 28.09 6.15 -2.46
C LEU D 24 28.18 7.29 -3.48
N LYS D 25 29.39 7.85 -3.63
CA LYS D 25 29.64 8.95 -4.58
C LYS D 25 29.50 8.54 -6.05
N GLU D 26 29.29 7.24 -6.29
CA GLU D 26 29.07 6.74 -7.65
C GLU D 26 27.62 6.85 -8.10
N PHE D 27 26.73 7.11 -7.14
CA PHE D 27 25.29 7.16 -7.39
C PHE D 27 24.77 8.59 -7.49
N ARG D 28 23.92 8.82 -8.50
CA ARG D 28 23.19 10.08 -8.65
C ARG D 28 21.78 9.92 -8.07
N GLU D 29 21.19 11.01 -7.60
CA GLU D 29 19.88 10.95 -6.94
C GLU D 29 18.77 11.51 -7.83
N GLN D 30 17.62 10.83 -7.84
CA GLN D 30 16.46 11.26 -8.62
C GLN D 30 15.16 10.98 -7.86
N ARG D 31 14.24 11.95 -7.87
CA ARG D 31 12.97 11.81 -7.16
C ARG D 31 11.79 11.65 -8.10
N TYR D 32 10.83 10.83 -7.69
CA TYR D 32 9.63 10.54 -8.47
C TYR D 32 8.37 10.76 -7.66
N SER D 33 7.33 11.25 -8.33
CA SER D 33 6.03 11.48 -7.70
C SER D 33 5.20 10.21 -7.69
N LYS D 34 4.16 10.21 -6.86
CA LYS D 34 3.21 9.10 -6.77
C LYS D 34 2.64 8.72 -8.14
N LYS D 35 2.56 7.42 -8.41
CA LYS D 35 1.99 6.87 -9.67
C LYS D 35 2.88 7.04 -10.92
N ALA D 36 3.97 7.79 -10.79
CA ALA D 36 4.90 8.05 -11.90
C ALA D 36 5.61 6.77 -12.33
N ILE D 37 5.70 6.58 -13.65
CA ILE D 37 6.44 5.47 -14.22
C ILE D 37 7.93 5.83 -14.30
N LEU D 38 8.73 5.18 -13.46
CA LEU D 38 10.18 5.37 -13.44
C LEU D 38 10.81 4.91 -14.75
N TYR D 39 10.53 3.67 -15.12
CA TYR D 39 11.09 3.05 -16.31
C TYR D 39 10.10 2.15 -17.03
N THR D 40 10.11 2.22 -18.35
CA THR D 40 9.42 1.27 -19.21
C THR D 40 10.42 0.13 -19.51
N PRO D 41 9.92 -1.04 -19.97
CA PRO D 41 10.82 -2.16 -20.25
C PRO D 41 11.93 -1.86 -21.26
N ASN D 42 13.14 -2.27 -20.90
CA ASN D 42 14.32 -2.17 -21.79
C ASN D 42 14.63 -0.75 -22.29
N THR D 43 14.70 0.18 -21.35
CA THR D 43 15.02 1.58 -21.60
C THR D 43 16.33 1.74 -22.38
N GLU D 44 16.47 2.83 -23.11
CA GLU D 44 17.74 3.14 -23.76
C GLU D 44 18.86 3.18 -22.72
N ARG D 45 18.66 4.00 -21.69
CA ARG D 45 19.58 4.09 -20.56
C ARG D 45 19.56 2.77 -19.78
N ASN D 46 20.74 2.17 -19.62
CA ASN D 46 20.89 0.95 -18.82
C ASN D 46 21.55 1.24 -17.48
N LEU D 47 20.74 1.28 -16.42
CA LEU D 47 21.23 1.64 -15.10
C LEU D 47 20.75 0.72 -13.98
N VAL D 48 21.52 0.70 -12.90
CA VAL D 48 21.17 -0.02 -11.69
C VAL D 48 20.75 1.00 -10.63
N PHE D 49 19.59 0.81 -10.03
CA PHE D 49 19.10 1.75 -9.01
C PHE D 49 18.77 1.09 -7.68
N LEU D 50 18.67 1.94 -6.65
CA LEU D 50 18.44 1.51 -5.28
C LEU D 50 17.40 2.44 -4.68
N VAL D 51 16.38 1.86 -4.06
CA VAL D 51 15.33 2.66 -3.42
C VAL D 51 15.88 3.25 -2.12
N LYS D 52 15.95 4.58 -2.07
CA LYS D 52 16.36 5.31 -0.87
C LYS D 52 15.14 5.60 0.01
N SER D 53 14.06 6.04 -0.62
CA SER D 53 12.82 6.36 0.08
C SER D 53 11.61 6.11 -0.82
N GLY D 54 10.49 5.72 -0.21
CA GLY D 54 9.28 5.41 -0.95
C GLY D 54 9.16 3.93 -1.30
N ARG D 55 8.20 3.63 -2.16
CA ARG D 55 7.89 2.26 -2.57
C ARG D 55 7.71 2.21 -4.09
N VAL D 56 8.26 1.17 -4.71
CA VAL D 56 8.26 1.03 -6.17
C VAL D 56 7.70 -0.31 -6.60
N ARG D 57 6.71 -0.29 -7.49
CA ARG D 57 6.14 -1.52 -8.02
C ARG D 57 6.81 -1.97 -9.31
N VAL D 58 7.31 -3.21 -9.31
CA VAL D 58 7.81 -3.84 -10.52
C VAL D 58 6.70 -4.77 -11.04
N TYR D 59 6.27 -4.56 -12.28
CA TYR D 59 5.11 -5.27 -12.81
C TYR D 59 5.13 -5.54 -14.31
N LEU D 60 4.40 -6.57 -14.73
CA LEU D 60 4.12 -6.80 -16.15
C LEU D 60 2.82 -6.13 -16.48
N ALA D 61 2.73 -5.57 -17.67
CA ALA D 61 1.52 -4.88 -18.09
C ALA D 61 1.06 -5.38 -19.45
N TYR D 62 -0.18 -5.85 -19.49
CA TYR D 62 -0.83 -6.23 -20.71
C TYR D 62 -1.99 -5.27 -20.93
N GLU D 63 -2.60 -5.32 -22.10
CA GLU D 63 -3.70 -4.40 -22.39
C GLU D 63 -4.91 -4.68 -21.50
N ASP D 64 -5.10 -5.96 -21.16
CA ASP D 64 -6.19 -6.38 -20.28
C ASP D 64 -5.80 -6.30 -18.80
N LYS D 65 -4.61 -6.78 -18.47
CA LYS D 65 -4.25 -7.03 -17.07
C LYS D 65 -2.83 -6.59 -16.71
N GLU D 66 -2.54 -6.64 -15.41
CA GLU D 66 -1.21 -6.43 -14.86
C GLU D 66 -0.90 -7.49 -13.83
N PHE D 67 0.35 -7.90 -13.77
CA PHE D 67 0.84 -8.81 -12.74
C PHE D 67 2.00 -8.13 -11.99
N THR D 68 1.79 -7.88 -10.69
CA THR D 68 2.87 -7.38 -9.83
C THR D 68 3.94 -8.47 -9.61
N LEU D 69 5.19 -8.13 -9.89
CA LEU D 69 6.31 -9.04 -9.69
C LEU D 69 7.00 -8.79 -8.35
N ALA D 70 6.97 -7.53 -7.90
CA ALA D 70 7.58 -7.14 -6.63
C ALA D 70 7.27 -5.71 -6.27
N ILE D 71 7.35 -5.42 -4.97
CA ILE D 71 7.32 -4.06 -4.48
C ILE D 71 8.66 -3.81 -3.80
N LEU D 72 9.42 -2.87 -4.35
CA LEU D 72 10.72 -2.50 -3.82
C LEU D 72 10.57 -1.42 -2.78
N GLU D 73 11.23 -1.61 -1.64
CA GLU D 73 11.23 -0.63 -0.56
C GLU D 73 12.65 -0.17 -0.31
N ALA D 74 12.83 0.73 0.65
CA ALA D 74 14.13 1.30 0.97
C ALA D 74 15.20 0.21 1.12
N GLY D 75 16.30 0.38 0.40
CA GLY D 75 17.41 -0.57 0.45
C GLY D 75 17.38 -1.65 -0.61
N ASP D 76 16.33 -1.67 -1.44
CA ASP D 76 16.21 -2.67 -2.51
C ASP D 76 16.82 -2.21 -3.83
N ILE D 77 17.50 -3.14 -4.50
CA ILE D 77 18.16 -2.89 -5.78
C ILE D 77 17.37 -3.45 -6.95
N PHE D 78 17.29 -2.68 -8.03
CA PHE D 78 16.79 -3.18 -9.31
C PHE D 78 17.50 -2.49 -10.46
N CYS D 79 17.04 -2.72 -11.68
CA CYS D 79 17.70 -2.19 -12.86
C CYS D 79 16.67 -1.88 -13.95
N THR D 80 17.16 -1.37 -15.08
CA THR D 80 16.29 -0.96 -16.17
C THR D 80 16.34 -1.89 -17.39
N HIS D 81 17.02 -3.03 -17.25
CA HIS D 81 17.20 -3.93 -18.39
C HIS D 81 16.32 -5.19 -18.39
N THR D 82 15.12 -5.06 -17.82
CA THR D 82 14.15 -6.16 -17.81
C THR D 82 12.90 -5.80 -18.62
N ARG D 83 12.11 -6.81 -18.93
CA ARG D 83 10.85 -6.63 -19.65
C ARG D 83 9.69 -6.08 -18.77
N ALA D 84 10.01 -5.64 -17.56
CA ALA D 84 9.00 -5.14 -16.63
C ALA D 84 8.88 -3.61 -16.58
N PHE D 85 7.69 -3.13 -16.20
CA PHE D 85 7.46 -1.71 -15.93
C PHE D 85 7.81 -1.40 -14.47
N ILE D 86 8.23 -0.17 -14.22
CA ILE D 86 8.62 0.27 -12.87
C ILE D 86 7.89 1.58 -12.56
N GLN D 87 7.09 1.56 -11.49
CA GLN D 87 6.23 2.69 -11.13
C GLN D 87 6.28 2.98 -9.63
N ALA D 88 6.38 4.27 -9.29
CA ALA D 88 6.35 4.73 -7.90
C ALA D 88 4.94 4.68 -7.33
N MET D 89 4.80 3.99 -6.20
CA MET D 89 3.52 3.89 -5.50
C MET D 89 3.28 5.10 -4.58
N GLU D 90 4.35 5.82 -4.29
CA GLU D 90 4.34 7.02 -3.47
C GLU D 90 5.54 7.87 -3.85
N ASP D 91 5.64 9.08 -3.30
CA ASP D 91 6.81 9.91 -3.51
C ASP D 91 8.06 9.09 -3.20
N THR D 92 8.97 9.02 -4.16
CA THR D 92 10.09 8.09 -4.13
C THR D 92 11.42 8.75 -4.48
N THR D 93 12.44 8.42 -3.72
CA THR D 93 13.80 8.81 -4.04
C THR D 93 14.62 7.56 -4.35
N ILE D 94 15.35 7.61 -5.46
CA ILE D 94 16.28 6.53 -5.81
C ILE D 94 17.72 7.01 -5.95
N LEU D 95 18.65 6.07 -5.85
CA LEU D 95 20.06 6.32 -6.16
C LEU D 95 20.41 5.45 -7.36
N TYR D 96 20.84 6.07 -8.45
CA TYR D 96 21.13 5.33 -9.67
C TYR D 96 22.57 5.48 -10.17
N THR D 97 23.05 4.46 -10.87
CA THR D 97 24.37 4.50 -11.47
C THR D 97 24.42 3.73 -12.79
N ASP D 98 25.42 4.06 -13.61
CA ASP D 98 25.70 3.37 -14.87
C ASP D 98 25.97 1.88 -14.59
N ILE D 99 25.54 1.02 -15.51
CA ILE D 99 25.72 -0.42 -15.36
C ILE D 99 27.20 -0.86 -15.38
N ARG D 100 28.02 -0.18 -16.17
CA ARG D 100 29.46 -0.44 -16.17
C ARG D 100 30.09 -0.01 -14.85
N ASN D 101 29.55 1.05 -14.26
CA ASN D 101 29.91 1.50 -12.93
C ASN D 101 29.56 0.45 -11.87
N PHE D 102 28.35 -0.10 -11.96
CA PHE D 102 27.87 -1.07 -10.98
C PHE D 102 28.53 -2.44 -11.08
N GLN D 103 28.97 -2.81 -12.30
CA GLN D 103 29.71 -4.06 -12.51
C GLN D 103 30.94 -4.15 -11.61
N ASN D 104 31.68 -3.05 -11.49
CA ASN D 104 32.81 -2.99 -10.58
C ASN D 104 32.38 -3.01 -9.12
N ILE D 105 31.28 -2.31 -8.84
CA ILE D 105 30.73 -2.20 -7.48
C ILE D 105 30.29 -3.55 -6.91
N VAL D 106 29.44 -4.26 -7.65
CA VAL D 106 28.87 -5.55 -7.21
C VAL D 106 29.94 -6.62 -6.94
N VAL D 107 31.02 -6.59 -7.72
CA VAL D 107 32.10 -7.57 -7.60
C VAL D 107 33.05 -7.26 -6.44
N GLU D 108 33.11 -6.00 -6.04
CA GLU D 108 34.02 -5.56 -4.98
C GLU D 108 33.36 -5.46 -3.61
N PHE D 109 32.11 -4.98 -3.58
CA PHE D 109 31.37 -4.77 -2.32
C PHE D 109 30.21 -5.76 -2.15
N PRO D 110 30.34 -6.71 -1.21
CA PRO D 110 29.44 -7.88 -1.05
C PRO D 110 27.98 -7.57 -0.72
N ALA D 111 27.69 -6.46 -0.06
CA ALA D 111 26.32 -6.17 0.40
C ALA D 111 25.27 -5.97 -0.72
N PHE D 112 25.70 -5.39 -1.84
CA PHE D 112 24.82 -5.18 -3.01
C PHE D 112 24.27 -6.49 -3.58
N SER D 113 25.17 -7.46 -3.74
CA SER D 113 24.85 -8.75 -4.29
C SER D 113 23.84 -9.52 -3.42
N LEU D 114 23.97 -9.39 -2.10
CA LEU D 114 23.11 -10.05 -1.13
C LEU D 114 21.67 -9.54 -1.21
N ASN D 115 21.53 -8.22 -1.38
CA ASN D 115 20.21 -7.61 -1.60
C ASN D 115 19.58 -8.01 -2.94
N MET D 116 20.40 -8.14 -3.99
CA MET D 116 19.92 -8.59 -5.31
C MET D 116 19.30 -9.97 -5.25
N VAL D 117 19.94 -10.87 -4.48
CA VAL D 117 19.40 -12.21 -4.27
C VAL D 117 18.01 -12.13 -3.63
N LYS D 118 17.88 -11.32 -2.57
CA LYS D 118 16.60 -11.08 -1.92
C LYS D 118 15.53 -10.62 -2.91
N VAL D 119 15.86 -9.59 -3.70
CA VAL D 119 14.93 -9.01 -4.66
C VAL D 119 14.56 -10.00 -5.79
N LEU D 120 15.57 -10.64 -6.39
CA LEU D 120 15.36 -11.66 -7.42
C LEU D 120 14.52 -12.83 -6.91
N GLY D 121 14.76 -13.22 -5.66
CA GLY D 121 13.94 -14.21 -4.96
C GLY D 121 12.46 -13.85 -4.93
N ASP D 122 12.14 -12.61 -4.59
CA ASP D 122 10.75 -12.14 -4.53
C ASP D 122 10.06 -12.03 -5.89
N LEU D 123 10.79 -11.56 -6.90
CA LEU D 123 10.29 -11.51 -8.28
C LEU D 123 9.99 -12.93 -8.78
N LEU D 124 10.85 -13.86 -8.41
CA LEU D 124 10.72 -15.25 -8.82
C LEU D 124 9.60 -15.98 -8.08
N LYS D 125 9.48 -15.75 -6.77
CA LYS D 125 8.32 -16.23 -6.01
C LYS D 125 7.00 -15.80 -6.67
N ASN D 126 6.89 -14.50 -6.97
CA ASN D 126 5.69 -13.96 -7.60
C ASN D 126 5.50 -14.52 -9.01
N SER D 127 6.59 -14.67 -9.76
CA SER D 127 6.53 -15.21 -11.13
C SER D 127 6.02 -16.65 -11.16
N LEU D 128 6.46 -17.48 -10.21
CA LEU D 128 6.05 -18.89 -10.17
C LEU D 128 4.56 -19.03 -9.85
N THR D 129 4.07 -18.16 -8.99
CA THR D 129 2.64 -18.09 -8.65
C THR D 129 1.80 -17.69 -9.86
N ILE D 130 2.32 -16.73 -10.62
CA ILE D 130 1.65 -16.21 -11.80
C ILE D 130 1.55 -17.29 -12.89
N ILE D 131 2.63 -18.03 -13.10
CA ILE D 131 2.67 -19.14 -14.04
C ILE D 131 1.65 -20.22 -13.68
N ASN D 132 1.65 -20.66 -12.42
CA ASN D 132 0.67 -21.65 -11.97
C ASN D 132 -0.73 -21.14 -12.20
N GLY D 133 -0.94 -19.86 -11.90
CA GLY D 133 -2.24 -19.21 -12.02
C GLY D 133 -2.75 -19.09 -13.45
N LEU D 134 -1.83 -19.10 -14.42
CA LEU D 134 -2.19 -19.06 -15.84
C LEU D 134 -2.46 -20.46 -16.40
N VAL D 135 -1.59 -21.41 -16.06
CA VAL D 135 -1.79 -22.82 -16.41
C VAL D 135 -3.11 -23.37 -15.83
N PHE D 136 -3.45 -22.93 -14.61
CA PHE D 136 -4.66 -23.38 -13.94
C PHE D 136 -5.70 -22.26 -13.82
N LYS D 137 -5.78 -21.40 -14.83
CA LYS D 137 -6.68 -20.24 -14.81
C LYS D 137 -8.12 -20.58 -14.41
N ASP D 138 -8.72 -21.55 -15.11
CA ASP D 138 -10.11 -21.94 -14.89
C ASP D 138 -10.32 -22.48 -13.49
N ALA D 139 -9.53 -23.49 -13.12
CA ALA D 139 -9.63 -24.12 -11.81
C ALA D 139 -9.35 -23.15 -10.66
N ARG D 140 -8.39 -22.23 -10.85
CA ARG D 140 -8.08 -21.24 -9.83
C ARG D 140 -9.30 -20.40 -9.51
N LEU D 141 -9.98 -19.95 -10.56
CA LEU D 141 -11.23 -19.20 -10.46
C LEU D 141 -12.28 -19.97 -9.65
N ARG D 142 -12.49 -21.23 -10.01
CA ARG D 142 -13.52 -22.06 -9.38
C ARG D 142 -13.17 -22.42 -7.94
N LEU D 143 -11.90 -22.72 -7.68
CA LEU D 143 -11.42 -22.97 -6.32
C LEU D 143 -11.61 -21.73 -5.44
N ALA D 144 -11.24 -20.55 -5.96
CA ALA D 144 -11.38 -19.32 -5.20
C ALA D 144 -12.84 -18.96 -4.91
N GLU D 145 -13.75 -19.14 -5.87
CA GLU D 145 -15.17 -18.86 -5.56
C GLU D 145 -15.75 -19.88 -4.56
N PHE D 146 -15.31 -21.13 -4.68
CA PHE D 146 -15.66 -22.20 -3.74
C PHE D 146 -15.28 -21.81 -2.30
N LEU D 147 -14.08 -21.25 -2.13
CA LEU D 147 -13.56 -20.91 -0.81
C LEU D 147 -14.23 -19.65 -0.23
N VAL D 148 -14.56 -18.70 -1.09
CA VAL D 148 -15.24 -17.47 -0.70
C VAL D 148 -16.70 -17.71 -0.29
N GLN D 149 -17.44 -18.46 -1.09
CA GLN D 149 -18.82 -18.84 -0.73
C GLN D 149 -18.85 -19.65 0.57
N ALA D 150 -17.88 -20.55 0.75
CA ALA D 150 -17.76 -21.32 2.00
C ALA D 150 -17.51 -20.42 3.21
N ALA D 151 -16.71 -19.37 3.00
CA ALA D 151 -16.43 -18.38 4.03
C ALA D 151 -17.69 -17.62 4.39
N MET D 152 -18.48 -17.29 3.38
CA MET D 152 -19.75 -16.59 3.55
C MET D 152 -20.76 -17.46 4.31
N ASP D 153 -20.98 -18.67 3.82
CA ASP D 153 -22.03 -19.57 4.33
C ASP D 153 -21.73 -20.19 5.71
N THR D 154 -20.45 -20.52 5.92
CA THR D 154 -20.07 -21.44 7.00
C THR D 154 -18.76 -21.06 7.70
N GLY D 155 -18.05 -20.07 7.16
CA GLY D 155 -16.81 -19.59 7.76
C GLY D 155 -17.02 -18.97 9.13
N LEU D 156 -16.07 -19.22 10.03
CA LEU D 156 -16.15 -18.73 11.41
C LEU D 156 -15.04 -17.70 11.65
N LYS D 157 -15.41 -16.55 12.19
CA LYS D 157 -14.45 -15.49 12.48
C LYS D 157 -13.62 -15.83 13.73
N VAL D 158 -12.32 -16.00 13.54
CA VAL D 158 -11.38 -16.24 14.63
C VAL D 158 -10.32 -15.13 14.65
N PRO D 159 -9.66 -14.89 15.81
CA PRO D 159 -8.63 -13.85 15.87
C PRO D 159 -7.67 -13.86 14.65
N GLN D 160 -7.22 -15.04 14.25
CA GLN D 160 -6.21 -15.18 13.20
C GLN D 160 -6.76 -15.10 11.77
N GLY D 161 -8.08 -14.96 11.62
CA GLY D 161 -8.73 -14.79 10.32
C GLY D 161 -10.11 -15.43 10.25
N ILE D 162 -10.38 -16.15 9.15
CA ILE D 162 -11.64 -16.87 9.01
C ILE D 162 -11.37 -18.36 8.86
N LYS D 163 -11.81 -19.12 9.87
CA LYS D 163 -11.64 -20.58 9.87
C LYS D 163 -12.68 -21.26 8.99
N LEU D 164 -12.20 -22.02 7.99
CA LEU D 164 -13.07 -22.82 7.12
C LEU D 164 -12.97 -24.29 7.45
N GLU D 165 -13.92 -24.78 8.24
CA GLU D 165 -14.05 -26.22 8.50
C GLU D 165 -14.79 -26.79 7.30
N LEU D 166 -14.04 -27.24 6.30
CA LEU D 166 -14.62 -27.63 5.02
C LEU D 166 -15.22 -29.03 5.05
N GLY D 167 -14.65 -29.88 5.91
CA GLY D 167 -15.07 -31.27 6.00
C GLY D 167 -14.71 -32.03 4.73
N LEU D 168 -13.81 -31.45 3.95
CA LEU D 168 -13.27 -32.02 2.71
C LEU D 168 -11.75 -31.88 2.70
N ASN D 169 -11.04 -32.97 2.38
CA ASN D 169 -9.60 -32.89 2.17
C ASN D 169 -9.32 -32.48 0.71
N THR D 170 -8.05 -32.36 0.34
CA THR D 170 -7.67 -31.88 -1.00
C THR D 170 -8.28 -32.73 -2.13
N GLU D 171 -8.22 -34.05 -1.97
CA GLU D 171 -8.80 -34.99 -2.92
C GLU D 171 -10.29 -34.70 -3.13
N GLU D 172 -11.01 -34.59 -2.03
CA GLU D 172 -12.47 -34.37 -2.03
C GLU D 172 -12.90 -33.04 -2.63
N ILE D 173 -12.14 -31.98 -2.33
CA ILE D 173 -12.35 -30.66 -2.95
C ILE D 173 -12.20 -30.75 -4.47
N ALA D 174 -11.21 -31.52 -4.91
CA ALA D 174 -10.98 -31.74 -6.32
C ALA D 174 -12.16 -32.49 -6.96
N LEU D 175 -12.72 -33.44 -6.22
CA LEU D 175 -13.91 -34.16 -6.69
C LEU D 175 -15.14 -33.24 -6.75
N MET D 176 -15.28 -32.39 -5.75
CA MET D 176 -16.37 -31.41 -5.73
C MET D 176 -16.33 -30.45 -6.92
N LEU D 177 -15.12 -30.04 -7.32
CA LEU D 177 -14.94 -29.01 -8.34
C LEU D 177 -14.65 -29.55 -9.76
N GLY D 178 -14.60 -30.87 -9.91
CA GLY D 178 -14.30 -31.48 -11.20
C GLY D 178 -12.88 -31.20 -11.69
N THR D 179 -11.93 -31.09 -10.77
CA THR D 179 -10.52 -31.01 -11.12
C THR D 179 -9.73 -32.19 -10.55
N THR D 180 -8.43 -32.18 -10.79
CA THR D 180 -7.53 -33.19 -10.24
C THR D 180 -7.03 -32.75 -8.88
N ARG D 181 -6.74 -33.72 -8.01
CA ARG D 181 -6.14 -33.45 -6.72
C ARG D 181 -4.87 -32.61 -6.82
N GLN D 182 -4.05 -32.91 -7.83
CA GLN D 182 -2.79 -32.23 -8.09
C GLN D 182 -2.99 -30.73 -8.31
N THR D 183 -3.99 -30.39 -9.12
CA THR D 183 -4.41 -29.01 -9.37
C THR D 183 -4.80 -28.23 -8.11
N VAL D 184 -5.69 -28.80 -7.30
CA VAL D 184 -6.13 -28.18 -6.03
C VAL D 184 -4.95 -28.05 -5.06
N SER D 185 -4.08 -29.06 -5.06
CA SER D 185 -2.91 -29.07 -4.19
C SER D 185 -1.88 -27.97 -4.57
N VAL D 186 -1.58 -27.83 -5.87
CA VAL D 186 -0.70 -26.76 -6.32
C VAL D 186 -1.31 -25.40 -5.96
N LEU D 187 -2.60 -25.24 -6.28
CA LEU D 187 -3.26 -23.95 -6.08
C LEU D 187 -3.36 -23.49 -4.62
N LEU D 188 -3.77 -24.39 -3.72
CA LEU D 188 -3.82 -24.06 -2.27
C LEU D 188 -2.44 -23.78 -1.68
N ASN D 189 -1.42 -24.52 -2.12
CA ASN D 189 -0.06 -24.23 -1.73
C ASN D 189 0.37 -22.82 -2.18
N ASP D 190 -0.11 -22.41 -3.35
CA ASP D 190 0.18 -21.08 -3.87
C ASP D 190 -0.57 -19.99 -3.10
N PHE D 191 -1.82 -20.27 -2.75
CA PHE D 191 -2.58 -19.38 -1.89
C PHE D 191 -1.85 -19.22 -0.53
N LYS D 192 -1.26 -20.31 -0.04
CA LYS D 192 -0.45 -20.27 1.19
C LYS D 192 0.77 -19.37 1.07
N LYS D 193 1.50 -19.48 -0.05
CA LYS D 193 2.68 -18.65 -0.30
C LYS D 193 2.35 -17.17 -0.40
N MET D 194 1.16 -16.86 -0.91
CA MET D 194 0.71 -15.48 -1.07
C MET D 194 0.23 -14.90 0.25
N GLY D 195 0.15 -15.75 1.27
CA GLY D 195 -0.35 -15.35 2.58
C GLY D 195 -1.86 -15.22 2.64
N ILE D 196 -2.54 -15.91 1.73
CA ILE D 196 -4.01 -15.86 1.67
C ILE D 196 -4.60 -16.82 2.69
N LEU D 197 -3.95 -17.96 2.89
CA LEU D 197 -4.45 -18.99 3.79
C LEU D 197 -3.35 -19.89 4.35
N GLU D 198 -3.70 -20.67 5.38
CA GLU D 198 -2.86 -21.72 5.94
C GLU D 198 -3.71 -22.96 6.14
N ARG D 199 -3.08 -24.13 6.21
CA ARG D 199 -3.76 -25.37 6.56
C ARG D 199 -3.81 -25.50 8.08
N VAL D 200 -5.00 -25.81 8.60
CA VAL D 200 -5.20 -25.99 10.04
C VAL D 200 -5.10 -27.48 10.36
N ASN D 201 -5.85 -28.30 9.62
CA ASN D 201 -5.70 -29.75 9.64
C ASN D 201 -6.11 -30.32 8.29
N GLN D 202 -6.31 -31.64 8.20
CA GLN D 202 -6.61 -32.28 6.90
C GLN D 202 -7.79 -31.63 6.14
N ARG D 203 -8.77 -31.12 6.88
CA ARG D 203 -10.04 -30.64 6.28
C ARG D 203 -10.43 -29.21 6.64
N THR D 204 -9.55 -28.51 7.35
CA THR D 204 -9.80 -27.15 7.80
C THR D 204 -8.69 -26.23 7.30
N LEU D 205 -9.11 -25.09 6.74
CA LEU D 205 -8.19 -24.05 6.31
C LEU D 205 -8.50 -22.77 7.06
N LEU D 206 -7.47 -21.96 7.24
CA LEU D 206 -7.61 -20.63 7.80
C LEU D 206 -7.39 -19.59 6.70
N LEU D 207 -8.42 -18.80 6.41
CA LEU D 207 -8.30 -17.69 5.46
C LEU D 207 -7.76 -16.46 6.15
N LYS D 208 -6.55 -16.04 5.77
CA LYS D 208 -5.90 -14.87 6.35
C LYS D 208 -6.24 -13.59 5.60
N ASP D 209 -6.55 -13.74 4.31
CA ASP D 209 -6.87 -12.60 3.45
C ASP D 209 -8.01 -12.96 2.49
N LEU D 210 -9.25 -12.79 2.96
CA LEU D 210 -10.43 -13.10 2.15
C LEU D 210 -10.56 -12.15 0.96
N GLN D 211 -10.35 -10.86 1.20
CA GLN D 211 -10.52 -9.84 0.17
C GLN D 211 -9.59 -10.08 -1.02
N LYS D 212 -8.35 -10.48 -0.72
CA LYS D 212 -7.36 -10.85 -1.74
C LYS D 212 -7.85 -12.04 -2.56
N LEU D 213 -8.48 -13.00 -1.89
CA LEU D 213 -9.00 -14.19 -2.54
C LEU D 213 -10.25 -13.87 -3.37
N LYS D 214 -11.06 -12.94 -2.87
CA LYS D 214 -12.33 -12.56 -3.51
C LYS D 214 -12.16 -11.89 -4.88
N GLU D 215 -10.92 -11.56 -5.25
CA GLU D 215 -10.63 -11.04 -6.59
C GLU D 215 -10.00 -12.09 -7.54
N PHE D 216 -9.73 -13.29 -7.03
CA PHE D 216 -9.33 -14.42 -7.86
C PHE D 216 -10.54 -15.25 -8.25
N SER D 217 -11.71 -14.80 -7.81
CA SER D 217 -12.97 -15.49 -8.05
C SER D 217 -13.87 -14.75 -9.06
N SER D 218 -13.58 -13.47 -9.28
CA SER D 218 -14.27 -12.69 -10.31
C SER D 218 -13.32 -12.36 -11.47
CHA HEM E . -9.97 11.62 22.51
CHB HEM E . -6.84 12.38 26.13
CHC HEM E . -3.19 10.98 23.23
CHD HEM E . -6.20 11.18 19.40
C1A HEM E . -9.46 11.90 23.77
C2A HEM E . -10.23 12.14 24.98
C3A HEM E . -9.36 12.36 25.99
C4A HEM E . -8.03 12.25 25.45
CMA HEM E . -9.74 12.66 27.48
CAA HEM E . -11.78 12.18 25.07
CBA HEM E . -12.15 13.65 24.86
CGA HEM E . -13.60 13.94 25.16
O1A HEM E . -14.07 13.69 26.31
O2A HEM E . -14.29 14.44 24.24
C1B HEM E . -5.57 12.11 25.65
C2B HEM E . -4.34 12.31 26.38
C3B HEM E . -3.32 11.92 25.58
C4B HEM E . -3.89 11.46 24.32
CMB HEM E . -4.27 12.88 27.82
CAB HEM E . -1.81 11.94 25.88
CBB HEM E . -1.33 11.83 27.11
C1C HEM E . -3.67 10.87 21.93
C2C HEM E . -2.94 10.42 20.76
C3C HEM E . -3.78 10.49 19.70
C4C HEM E . -5.06 10.97 20.17
CMC HEM E . -1.47 9.94 20.74
CAC HEM E . -3.48 10.11 18.22
CBC HEM E . -2.56 10.80 17.54
C1D HEM E . -7.50 11.27 19.86
C2D HEM E . -8.70 11.25 19.04
C3D HEM E . -9.87 11.39 20.01
C4D HEM E . -9.28 11.48 21.33
CMD HEM E . -8.78 11.11 17.51
CAD HEM E . -11.37 11.40 19.66
CBD HEM E . -11.74 9.93 19.58
CGD HEM E . -13.14 9.72 19.06
O1D HEM E . -13.45 8.59 18.65
O2D HEM E . -13.95 10.67 19.07
NA HEM E . -8.12 11.96 24.09
NB HEM E . -5.26 11.60 24.40
NC HEM E . -4.95 11.18 21.53
ND HEM E . -7.90 11.42 21.18
FE HEM E . -6.60 11.47 22.76
N1 IMD F . -6.23 15.62 22.70
C2 IMD F . -6.45 14.44 23.31
N3 IMD F . -6.30 13.45 22.42
C4 IMD F . -6.00 14.00 21.23
C5 IMD F . -5.95 15.38 21.40
CHA HEM G . -3.89 21.52 6.15
CHB HEM G . 0.48 23.53 6.73
CHC HEM G . -0.88 25.30 11.03
CHD HEM G . -5.04 22.79 10.73
C1A HEM G . -2.60 21.94 5.90
C2A HEM G . -1.85 21.77 4.67
C3A HEM G . -0.64 22.32 4.83
C4A HEM G . -0.59 22.88 6.17
CMA HEM G . 0.53 22.39 3.82
CAA HEM G . -2.37 21.03 3.41
CBA HEM G . -1.75 19.64 3.46
CGA HEM G . -2.31 18.72 2.41
O1A HEM G . -2.23 19.01 1.19
O2A HEM G . -2.83 17.65 2.81
C1B HEM G . 0.49 24.16 7.95
C2B HEM G . 1.64 24.86 8.50
C3B HEM G . 1.27 25.36 9.69
C4B HEM G . -0.12 24.98 9.93
CMB HEM G . 3.02 24.99 7.80
CAB HEM G . 2.14 26.19 10.66
CBB HEM G . 3.23 25.68 11.23
C1C HEM G . -2.14 24.81 11.32
C2C HEM G . -2.95 25.12 12.48
C3C HEM G . -4.09 24.43 12.39
C4C HEM G . -4.05 23.65 11.19
CMC HEM G . -2.52 26.12 13.58
CAC HEM G . -5.26 24.44 13.40
CBC HEM G . -5.15 23.79 14.57
C1D HEM G . -5.14 22.24 9.48
C2D HEM G . -6.26 21.44 9.02
C3D HEM G . -5.90 21.03 7.59
C4D HEM G . -4.60 21.62 7.32
CMD HEM G . -7.54 21.11 9.81
CAD HEM G . -6.77 20.20 6.62
CBD HEM G . -7.78 21.21 6.06
CGD HEM G . -8.76 20.62 5.09
O1D HEM G . -9.69 21.36 4.68
O2D HEM G . -8.63 19.43 4.72
NA HEM G . -1.80 22.63 6.79
NB HEM G . -0.57 24.25 8.84
NC HEM G . -2.85 23.90 10.56
ND HEM G . -4.19 22.31 8.46
FE HEM G . -2.42 23.34 8.66
N1 IMD H . -0.26 20.04 9.71
C2 IMD H . -0.45 21.15 8.95
N3 IMD H . -1.61 21.75 9.29
C4 IMD H . -2.16 21.00 10.27
C5 IMD H . -1.32 19.93 10.53
CHA HEM I . 12.51 -18.86 -1.27
CHB HEM I . 15.68 -18.43 2.39
CHC HEM I . 19.21 -19.93 -0.58
CHD HEM I . 16.21 -19.76 -4.38
C1A HEM I . 13.04 -18.68 -0.01
C2A HEM I . 12.28 -18.48 1.22
C3A HEM I . 13.15 -18.35 2.23
C4A HEM I . 14.49 -18.50 1.68
CMA HEM I . 12.81 -18.11 3.74
CAA HEM I . 10.73 -18.37 1.30
CBA HEM I . 10.44 -16.87 1.34
CGA HEM I . 8.99 -16.46 1.47
O1A HEM I . 8.25 -16.98 2.34
O2A HEM I . 8.58 -15.55 0.70
C1B HEM I . 16.94 -18.75 1.90
C2B HEM I . 18.20 -18.73 2.65
C3B HEM I . 19.17 -19.15 1.83
C4B HEM I . 18.56 -19.46 0.54
CMB HEM I . 18.35 -18.30 4.13
CAB HEM I . 20.68 -19.31 2.12
CBB HEM I . 21.40 -18.44 2.83
C1C HEM I . 18.70 -20.04 -1.85
C2C HEM I . 19.44 -20.49 -3.00
C3C HEM I . 18.62 -20.44 -4.06
C4C HEM I . 17.33 -19.95 -3.61
CMC HEM I . 20.91 -20.94 -2.96
CAC HEM I . 18.96 -20.82 -5.51
CBC HEM I . 19.93 -20.15 -6.16
C1D HEM I . 14.94 -19.50 -3.92
C2D HEM I . 13.76 -19.36 -4.74
C3D HEM I . 12.62 -19.08 -3.77
C4D HEM I . 13.21 -19.09 -2.45
CMD HEM I . 13.67 -19.47 -6.28
CAD HEM I . 11.14 -18.88 -4.11
CBD HEM I . 10.71 -20.33 -4.32
CGD HEM I . 9.25 -20.45 -4.67
O1D HEM I . 8.52 -19.42 -4.61
O2D HEM I . 8.86 -21.59 -5.01
NA HEM I . 14.37 -18.71 0.31
NB HEM I . 17.20 -19.21 0.62
NC HEM I . 17.42 -19.72 -2.25
ND HEM I . 14.57 -19.33 -2.59
FE HEM I . 15.88 -19.27 -0.97
N1 IMD J . 16.37 -15.28 -0.93
C2 IMD J . 16.23 -16.50 -0.37
N3 IMD J . 16.37 -17.46 -1.30
C4 IMD J . 16.60 -16.85 -2.48
C5 IMD J . 16.58 -15.48 -2.25
CHA HEM K . 19.22 -9.59 -17.71
CHB HEM K . 23.78 -8.05 -17.07
CHC HEM K . 22.52 -6.02 -12.82
CHD HEM K . 18.21 -8.23 -13.11
C1A HEM K . 20.55 -9.31 -17.94
C2A HEM K . 21.30 -9.61 -19.14
C3A HEM K . 22.57 -9.18 -18.96
C4A HEM K . 22.65 -8.59 -17.63
CMA HEM K . 23.74 -9.27 -19.98
CAA HEM K . 20.72 -10.30 -20.41
CBA HEM K . 21.33 -11.69 -20.49
CGA HEM K . 20.78 -12.50 -21.62
O1A HEM K . 20.18 -13.57 -21.35
O2A HEM K . 20.92 -12.09 -22.80
C1B HEM K . 23.85 -7.36 -15.88
C2B HEM K . 25.04 -6.73 -15.31
C3B HEM K . 24.69 -6.18 -14.14
C4B HEM K . 23.28 -6.43 -13.91
CMB HEM K . 26.44 -6.73 -15.97
CAB HEM K . 25.63 -5.40 -13.19
CBB HEM K . 25.75 -5.81 -11.94
C1C HEM K . 21.23 -6.41 -12.54
C2C HEM K . 20.42 -5.98 -11.42
C3C HEM K . 19.23 -6.60 -11.50
C4C HEM K . 19.25 -7.43 -12.67
CMC HEM K . 20.87 -4.97 -10.33
CAC HEM K . 18.01 -6.47 -10.54
CBC HEM K . 18.11 -6.83 -9.26
C1D HEM K . 18.08 -8.79 -14.35
C2D HEM K . 16.92 -9.54 -14.79
C3D HEM K . 17.24 -9.97 -16.23
C4D HEM K . 18.54 -9.44 -16.52
CMD HEM K . 15.66 -9.84 -13.98
CAD HEM K . 16.34 -10.77 -17.18
CBD HEM K . 15.47 -9.64 -17.76
CGD HEM K . 14.39 -10.13 -18.69
O1D HEM K . 14.51 -11.26 -19.21
O2D HEM K . 13.43 -9.36 -18.93
NA HEM K . 21.41 -8.69 -17.03
NB HEM K . 22.81 -7.15 -14.98
NC HEM K . 20.48 -7.30 -13.28
ND HEM K . 19.01 -8.76 -15.39
FE HEM K . 20.92 -7.90 -15.17
N1 IMD L . 22.72 -11.26 -13.91
C2 IMD L . 22.55 -10.22 -14.75
N3 IMD L . 21.39 -9.58 -14.48
C4 IMD L . 20.82 -10.25 -13.44
C5 IMD L . 21.64 -11.30 -13.08
#